data_8ZAC
#
_entry.id   8ZAC
#
_cell.length_a   81.203
_cell.length_b   166.890
_cell.length_c   57.151
_cell.angle_alpha   90.00
_cell.angle_beta   90.00
_cell.angle_gamma   90.00
#
_symmetry.space_group_name_H-M   'P 21 21 2'
#
loop_
_entity.id
_entity.type
_entity.pdbx_description
1 polymer 'Alpha-ionylideneethane synthase aba3'
2 non-polymer 'ZINC ION'
3 water water
#
_entity_poly.entity_id   1
_entity_poly.type   'polypeptide(L)'
_entity_poly.pdbx_seq_one_letter_code
;HHHHHHENLYFQGAGAGAGAGAGMQQVITQTLVDDRFIQISDSKKSEGLATDSTKRQSQEQPIHDKDPIKAATAAMAATP
LVKEHQDTWYYPPDIANDLQSINLPAELKGEIFACAWEYTRCVIPNYTNWNRYVAFMRIIIMGIIAEFRGEMVDVTASNN
LLGYDLDATLAALFEGTPGHKEMAREYKTFLLITADKASERRDGELFRRYVNALAQSPRHWFRMRDCDALARFTIASALA
CNDLDDIWFTEDQFEILTEIGDTLYDAVAFYKHRAEGETNSTFAYMPEDLRIKAYSECREILWALDAAWARNPKLANVIN
FVRFFGGPIHMMMRRYRFVEENLTIGKSETDKVVDQTRKNFKLWNRVDANKRSVLNTQRYKALIARSEELMFPGLAEFLE
MGGDGICDKCKYRESYGAELSHQFGGVELCSECRLSWRKYLECFVERATKVFPELKTHFEVPV
;
_entity_poly.pdbx_strand_id   A,B
#
loop_
_chem_comp.id
_chem_comp.type
_chem_comp.name
_chem_comp.formula
ZN non-polymer 'ZINC ION' 'Zn 2'
#
# COMPACT_ATOMS: atom_id res chain seq x y z
N GLU A 84 -18.66 10.54 -11.55
CA GLU A 84 -19.81 10.56 -10.60
C GLU A 84 -19.37 11.24 -9.30
N HIS A 85 -18.52 10.60 -8.46
CA HIS A 85 -17.88 11.28 -7.30
C HIS A 85 -17.03 12.44 -7.80
N GLN A 86 -17.26 13.64 -7.28
CA GLN A 86 -16.48 14.87 -7.57
C GLN A 86 -15.55 15.07 -6.38
N ASP A 87 -14.24 15.05 -6.64
CA ASP A 87 -13.20 15.09 -5.57
C ASP A 87 -13.17 16.48 -4.94
N THR A 88 -13.10 16.50 -3.62
CA THR A 88 -12.72 17.65 -2.77
C THR A 88 -11.29 17.39 -2.31
N TRP A 89 -10.43 18.41 -2.40
CA TRP A 89 -8.96 18.28 -2.25
C TRP A 89 -8.61 18.61 -0.81
N TYR A 90 -7.75 17.79 -0.20
CA TYR A 90 -7.28 17.95 1.20
C TYR A 90 -5.76 17.91 1.19
N TYR A 91 -5.17 18.62 2.14
CA TYR A 91 -3.74 18.95 2.18
C TYR A 91 -3.51 19.76 3.45
N PRO A 92 -2.28 19.86 3.95
CA PRO A 92 -2.01 20.64 5.14
C PRO A 92 -2.22 22.13 4.87
N PRO A 93 -2.41 22.98 5.91
CA PRO A 93 -2.52 24.41 5.70
C PRO A 93 -1.15 24.95 5.25
N ASP A 94 -0.05 24.40 5.79
CA ASP A 94 1.34 24.88 5.56
C ASP A 94 1.55 25.34 4.11
N ILE A 95 1.01 24.60 3.13
CA ILE A 95 1.23 24.82 1.68
C ILE A 95 -0.05 25.39 1.10
N ALA A 96 -1.05 25.63 1.95
CA ALA A 96 -2.43 26.01 1.54
C ALA A 96 -2.36 27.34 0.77
N ASN A 97 -1.48 28.24 1.25
CA ASN A 97 -1.20 29.58 0.69
C ASN A 97 0.15 29.59 -0.01
N ASP A 98 0.71 28.42 -0.37
CA ASP A 98 1.80 28.34 -1.39
C ASP A 98 1.21 28.92 -2.68
N LEU A 99 2.08 29.28 -3.65
CA LEU A 99 1.73 29.68 -5.04
C LEU A 99 0.84 30.94 -5.07
N GLN A 100 0.90 31.80 -4.02
CA GLN A 100 0.19 33.12 -3.99
C GLN A 100 0.53 33.87 -5.28
N SER A 101 1.84 34.09 -5.50
CA SER A 101 2.49 34.71 -6.69
C SER A 101 1.94 34.15 -8.01
N ILE A 102 1.61 32.86 -8.09
CA ILE A 102 1.18 32.23 -9.37
C ILE A 102 -0.31 32.47 -9.53
N ASN A 103 -0.74 32.61 -10.78
CA ASN A 103 -2.15 32.86 -11.17
C ASN A 103 -2.65 31.61 -11.89
N LEU A 104 -3.09 30.62 -11.11
CA LEU A 104 -3.85 29.44 -11.60
C LEU A 104 -5.16 29.36 -10.81
N PRO A 105 -6.24 28.80 -11.41
CA PRO A 105 -7.52 28.68 -10.72
C PRO A 105 -7.32 27.89 -9.40
N ALA A 106 -8.00 28.29 -8.32
CA ALA A 106 -7.84 27.75 -6.94
C ALA A 106 -8.05 26.23 -6.88
N GLU A 107 -8.87 25.64 -7.77
CA GLU A 107 -9.20 24.19 -7.83
C GLU A 107 -7.97 23.39 -8.31
N LEU A 108 -7.32 23.89 -9.36
CA LEU A 108 -6.07 23.32 -9.92
C LEU A 108 -5.03 23.25 -8.79
N LYS A 109 -4.78 24.38 -8.15
CA LYS A 109 -3.82 24.54 -7.02
C LYS A 109 -4.20 23.58 -5.89
N GLY A 110 -5.50 23.28 -5.78
CA GLY A 110 -6.07 22.39 -4.76
C GLY A 110 -5.73 20.93 -5.07
N GLU A 111 -5.96 20.52 -6.32
CA GLU A 111 -5.58 19.20 -6.88
C GLU A 111 -4.06 18.96 -6.78
N ILE A 112 -3.25 20.00 -7.00
CA ILE A 112 -1.76 19.92 -7.04
C ILE A 112 -1.23 19.76 -5.62
N PHE A 113 -1.70 20.58 -4.69
CA PHE A 113 -1.29 20.48 -3.25
C PHE A 113 -1.73 19.10 -2.73
N ALA A 114 -2.93 18.65 -3.12
CA ALA A 114 -3.51 17.35 -2.74
C ALA A 114 -2.55 16.22 -3.14
N CYS A 115 -2.09 16.23 -4.40
CA CYS A 115 -1.19 15.23 -5.01
C CYS A 115 0.17 15.24 -4.28
N ALA A 116 0.69 16.40 -3.95
CA ALA A 116 1.96 16.51 -3.20
C ALA A 116 1.77 15.86 -1.85
N TRP A 117 0.68 16.19 -1.16
CA TRP A 117 0.37 15.65 0.19
C TRP A 117 0.21 14.14 0.09
N GLU A 118 -0.52 13.67 -0.92
CA GLU A 118 -0.91 12.23 -1.06
C GLU A 118 0.32 11.38 -1.40
N TYR A 119 1.12 11.80 -2.38
CA TYR A 119 2.39 11.14 -2.76
C TYR A 119 3.28 11.05 -1.53
N THR A 120 3.45 12.16 -0.85
CA THR A 120 4.35 12.25 0.33
C THR A 120 3.87 11.29 1.43
N ARG A 121 2.57 11.24 1.71
CA ARG A 121 2.06 10.39 2.82
C ARG A 121 2.17 8.91 2.41
N CYS A 122 2.04 8.61 1.11
CA CYS A 122 2.03 7.24 0.57
C CYS A 122 3.44 6.68 0.65
N VAL A 123 4.44 7.38 0.09
CA VAL A 123 5.79 6.78 -0.09
C VAL A 123 6.74 7.22 1.02
N ILE A 124 6.31 8.10 1.91
CA ILE A 124 7.11 8.50 3.12
C ILE A 124 6.17 8.43 4.31
N PRO A 125 5.56 7.26 4.61
CA PRO A 125 4.44 7.23 5.54
C PRO A 125 4.80 7.50 7.00
N ASN A 126 6.09 7.69 7.33
CA ASN A 126 6.55 8.19 8.65
C ASN A 126 7.31 9.50 8.48
N TYR A 127 7.16 10.45 9.43
CA TYR A 127 8.06 11.62 9.57
C TYR A 127 8.31 11.98 11.04
N THR A 128 9.40 12.72 11.26
CA THR A 128 9.80 13.35 12.54
C THR A 128 10.01 14.86 12.37
N ASN A 129 10.44 15.32 11.18
CA ASN A 129 10.84 16.72 10.87
C ASN A 129 9.85 17.28 9.84
N TRP A 130 8.83 17.98 10.34
CA TRP A 130 7.72 18.53 9.52
C TRP A 130 8.25 19.51 8.46
N ASN A 131 9.26 20.32 8.77
CA ASN A 131 9.69 21.40 7.83
C ASN A 131 10.37 20.73 6.61
N ARG A 132 11.04 19.60 6.79
CA ARG A 132 11.57 18.80 5.65
C ARG A 132 10.40 18.18 4.87
N TYR A 133 9.45 17.59 5.57
CA TYR A 133 8.25 16.98 4.93
C TYR A 133 7.69 17.99 3.94
N VAL A 134 7.41 19.20 4.45
CA VAL A 134 6.79 20.31 3.66
C VAL A 134 7.73 20.69 2.49
N ALA A 135 9.04 20.76 2.69
CA ALA A 135 9.99 21.00 1.58
C ALA A 135 9.78 19.94 0.49
N PHE A 136 9.64 18.67 0.93
CA PHE A 136 9.45 17.53 -0.02
C PHE A 136 8.18 17.80 -0.81
N MET A 137 7.14 18.22 -0.11
CA MET A 137 5.84 18.49 -0.76
C MET A 137 6.06 19.59 -1.82
N ARG A 138 6.86 20.61 -1.49
CA ARG A 138 7.17 21.74 -2.42
C ARG A 138 8.00 21.20 -3.58
N ILE A 139 9.01 20.38 -3.30
CA ILE A 139 9.78 19.66 -4.36
C ILE A 139 8.78 19.03 -5.32
N ILE A 140 7.74 18.37 -4.80
CA ILE A 140 6.75 17.65 -5.65
C ILE A 140 5.83 18.64 -6.37
N ILE A 141 5.30 19.65 -5.66
CA ILE A 141 4.44 20.71 -6.30
C ILE A 141 5.13 21.14 -7.61
N MET A 142 6.39 21.58 -7.53
CA MET A 142 7.16 22.09 -8.71
C MET A 142 7.27 21.02 -9.80
N GLY A 143 7.66 19.80 -9.39
CA GLY A 143 7.65 18.64 -10.30
C GLY A 143 6.32 18.46 -10.99
N ILE A 144 5.21 18.60 -10.27
CA ILE A 144 3.87 18.36 -10.87
C ILE A 144 3.67 19.36 -12.02
N ILE A 145 3.93 20.64 -11.75
CA ILE A 145 3.67 21.77 -12.71
C ILE A 145 4.60 21.63 -13.92
N ALA A 146 5.88 21.30 -13.68
CA ALA A 146 6.84 20.98 -14.75
C ALA A 146 6.20 19.98 -15.73
N GLU A 147 5.48 18.97 -15.21
CA GLU A 147 4.84 17.94 -16.08
C GLU A 147 3.56 18.51 -16.72
N PHE A 148 2.83 19.35 -15.97
CA PHE A 148 1.59 20.03 -16.44
C PHE A 148 1.98 20.99 -17.56
N ARG A 149 2.74 22.03 -17.21
CA ARG A 149 3.19 23.07 -18.18
C ARG A 149 4.71 23.26 -18.04
N GLY A 150 5.51 22.63 -18.90
CA GLY A 150 6.98 22.74 -18.87
C GLY A 150 7.44 24.19 -18.98
N GLU A 151 6.76 24.96 -19.85
CA GLU A 151 7.06 26.39 -20.16
C GLU A 151 7.08 27.24 -18.87
N MET A 152 6.51 26.72 -17.79
CA MET A 152 6.23 27.41 -16.51
C MET A 152 7.34 27.11 -15.50
N VAL A 153 8.16 26.10 -15.80
CA VAL A 153 9.27 25.61 -14.93
C VAL A 153 10.47 25.34 -15.86
N ASP A 154 11.43 26.26 -15.85
CA ASP A 154 12.66 26.23 -16.67
C ASP A 154 13.82 26.41 -15.67
N VAL A 155 14.27 25.29 -15.07
CA VAL A 155 15.34 25.17 -14.03
C VAL A 155 16.66 25.76 -14.56
N THR A 156 16.88 25.80 -15.89
CA THR A 156 18.05 26.51 -16.50
C THR A 156 17.90 28.01 -16.24
N ALA A 157 16.99 28.66 -17.00
CA ALA A 157 16.61 30.08 -16.91
C ALA A 157 16.90 30.68 -15.53
N SER A 158 16.25 30.23 -14.46
CA SER A 158 16.36 30.84 -13.10
C SER A 158 16.32 29.78 -11.99
N ASN A 159 16.80 30.16 -10.80
CA ASN A 159 16.75 29.40 -9.54
C ASN A 159 15.51 29.74 -8.72
N ASN A 160 14.70 30.71 -9.18
CA ASN A 160 13.40 31.08 -8.58
C ASN A 160 12.33 30.58 -9.52
N LEU A 161 11.60 29.54 -9.07
CA LEU A 161 10.54 28.84 -9.84
C LEU A 161 9.25 28.97 -9.03
N LEU A 162 8.24 29.54 -9.65
CA LEU A 162 6.85 29.68 -9.13
C LEU A 162 6.87 30.29 -7.73
N GLY A 163 7.84 31.17 -7.45
CA GLY A 163 7.94 31.91 -6.18
C GLY A 163 8.64 31.08 -5.13
N TYR A 164 9.06 29.85 -5.47
CA TYR A 164 9.94 29.00 -4.60
C TYR A 164 11.39 29.29 -4.96
N ASP A 165 12.25 29.39 -3.96
CA ASP A 165 13.72 29.36 -4.16
C ASP A 165 14.16 27.89 -4.09
N LEU A 166 14.47 27.30 -5.24
CA LEU A 166 14.83 25.86 -5.39
C LEU A 166 15.97 25.51 -4.43
N ASP A 167 17.17 26.10 -4.60
CA ASP A 167 18.36 25.81 -3.74
C ASP A 167 17.95 25.93 -2.26
N ALA A 168 17.06 26.87 -1.93
CA ALA A 168 16.60 27.12 -0.54
C ALA A 168 15.66 25.99 -0.04
N THR A 169 14.73 25.52 -0.87
CA THR A 169 13.81 24.39 -0.50
C THR A 169 14.63 23.10 -0.30
N LEU A 170 15.51 22.82 -1.27
CA LEU A 170 16.45 21.67 -1.31
C LEU A 170 17.35 21.67 -0.11
N ALA A 171 17.75 22.86 0.33
CA ALA A 171 18.63 23.05 1.51
C ALA A 171 17.80 22.71 2.75
N ALA A 172 16.58 23.25 2.85
CA ALA A 172 15.65 22.96 3.96
C ALA A 172 15.48 21.44 4.12
N LEU A 173 15.26 20.73 3.00
CA LEU A 173 15.03 19.26 2.93
C LEU A 173 16.31 18.49 3.29
N PHE A 174 17.45 18.84 2.68
CA PHE A 174 18.65 17.96 2.65
C PHE A 174 19.88 18.54 3.37
N GLU A 175 19.84 19.75 3.93
CA GLU A 175 21.02 20.33 4.61
C GLU A 175 21.38 19.37 5.74
N GLY A 176 22.66 19.00 5.86
CA GLY A 176 23.18 18.16 6.97
C GLY A 176 23.13 16.66 6.69
N THR A 177 22.72 16.26 5.48
CA THR A 177 22.49 14.85 5.06
C THR A 177 23.50 14.47 3.98
N PRO A 178 23.96 13.19 3.95
CA PRO A 178 25.09 12.78 3.10
C PRO A 178 25.15 13.18 1.62
N GLY A 179 24.00 13.41 0.99
CA GLY A 179 23.86 13.51 -0.47
C GLY A 179 23.25 14.82 -0.94
N HIS A 180 23.15 15.83 -0.07
CA HIS A 180 22.58 17.19 -0.35
C HIS A 180 22.96 17.62 -1.77
N LYS A 181 24.26 17.66 -2.07
CA LYS A 181 24.82 18.19 -3.34
C LYS A 181 24.36 17.31 -4.51
N GLU A 182 24.41 15.99 -4.32
CA GLU A 182 24.04 14.98 -5.36
C GLU A 182 22.52 15.05 -5.62
N MET A 183 21.74 15.25 -4.56
CA MET A 183 20.26 15.19 -4.66
C MET A 183 19.75 16.48 -5.31
N ALA A 184 20.51 17.58 -5.19
CA ALA A 184 20.22 18.85 -5.91
C ALA A 184 20.29 18.60 -7.42
N ARG A 185 21.38 17.98 -7.85
CA ARG A 185 21.60 17.61 -9.27
C ARG A 185 20.48 16.68 -9.73
N GLU A 186 20.18 15.67 -8.91
CA GLU A 186 19.14 14.63 -9.18
C GLU A 186 17.86 15.40 -9.53
N TYR A 187 17.48 16.33 -8.66
CA TYR A 187 16.22 17.08 -8.84
C TYR A 187 16.30 18.02 -10.06
N LYS A 188 17.41 18.73 -10.28
CA LYS A 188 17.42 19.73 -11.38
C LYS A 188 17.31 18.98 -12.70
N THR A 189 17.89 17.78 -12.79
CA THR A 189 17.79 16.90 -13.99
C THR A 189 16.32 16.54 -14.23
N PHE A 190 15.61 16.22 -13.14
CA PHE A 190 14.21 15.77 -13.19
C PHE A 190 13.39 16.93 -13.77
N LEU A 191 13.55 18.13 -13.19
CA LEU A 191 12.83 19.35 -13.70
C LEU A 191 13.23 19.62 -15.15
N LEU A 192 14.55 19.67 -15.40
CA LEU A 192 15.13 19.81 -16.76
C LEU A 192 14.40 18.88 -17.73
N ILE A 193 14.45 17.57 -17.50
CA ILE A 193 13.96 16.56 -18.48
C ILE A 193 12.42 16.59 -18.53
N THR A 194 11.75 16.79 -17.39
CA THR A 194 10.27 16.76 -17.35
C THR A 194 9.74 17.98 -18.11
N ALA A 195 10.23 19.19 -17.81
CA ALA A 195 9.92 20.44 -18.56
C ALA A 195 10.01 20.19 -20.07
N ASP A 196 11.15 19.69 -20.55
CA ASP A 196 11.41 19.52 -22.00
C ASP A 196 10.46 18.48 -22.62
N LYS A 197 10.24 17.37 -21.91
CA LYS A 197 9.28 16.30 -22.27
C LYS A 197 7.90 16.92 -22.52
N ALA A 198 7.53 17.91 -21.69
CA ALA A 198 6.19 18.53 -21.65
C ALA A 198 6.27 19.99 -22.12
N SER A 199 6.62 20.20 -23.39
CA SER A 199 6.89 21.54 -23.99
C SER A 199 7.32 21.38 -25.45
N GLU A 200 7.68 22.49 -26.09
CA GLU A 200 8.20 22.50 -27.50
C GLU A 200 9.63 21.93 -27.51
N ARG A 201 10.34 21.94 -26.37
CA ARG A 201 11.76 21.47 -26.29
C ARG A 201 11.86 19.94 -26.47
N ARG A 202 10.74 19.24 -26.62
CA ARG A 202 10.68 17.77 -26.85
C ARG A 202 11.31 17.42 -28.22
N ASP A 203 11.29 18.37 -29.16
CA ASP A 203 11.81 18.24 -30.56
C ASP A 203 13.31 18.56 -30.61
N GLY A 204 13.84 19.30 -29.62
CA GLY A 204 15.24 19.72 -29.51
C GLY A 204 16.23 18.57 -29.41
N GLU A 205 17.48 18.88 -29.07
CA GLU A 205 18.66 17.97 -29.20
C GLU A 205 18.93 17.24 -27.88
N LEU A 206 18.81 17.93 -26.74
CA LEU A 206 18.91 17.32 -25.39
C LEU A 206 18.03 16.05 -25.28
N PHE A 207 16.73 16.16 -25.60
CA PHE A 207 15.74 15.10 -25.33
C PHE A 207 15.99 13.92 -26.27
N ARG A 208 16.19 14.19 -27.56
CA ARG A 208 16.61 13.17 -28.57
C ARG A 208 17.84 12.41 -28.04
N ARG A 209 18.79 13.11 -27.43
CA ARG A 209 20.00 12.45 -26.90
C ARG A 209 19.61 11.68 -25.63
N TYR A 210 18.75 12.26 -24.79
CA TYR A 210 18.21 11.59 -23.57
C TYR A 210 17.54 10.27 -23.98
N VAL A 211 16.52 10.37 -24.84
CA VAL A 211 15.76 9.16 -25.24
C VAL A 211 16.73 8.08 -25.76
N ASN A 212 17.73 8.48 -26.56
CA ASN A 212 18.66 7.52 -27.21
C ASN A 212 19.54 6.89 -26.12
N ALA A 213 20.08 7.73 -25.24
CA ALA A 213 20.92 7.33 -24.08
C ALA A 213 20.20 6.29 -23.20
N LEU A 214 18.87 6.38 -23.05
CA LEU A 214 18.08 5.47 -22.18
C LEU A 214 18.38 4.03 -22.54
N ALA A 215 18.57 3.78 -23.84
CA ALA A 215 18.50 2.45 -24.49
C ALA A 215 19.88 1.96 -24.89
N GLN A 216 20.95 2.55 -24.34
CA GLN A 216 22.34 2.14 -24.66
C GLN A 216 22.62 0.81 -23.96
N SER A 217 22.09 0.64 -22.74
CA SER A 217 22.48 -0.42 -21.78
C SER A 217 21.42 -0.54 -20.70
N PRO A 218 21.14 -1.75 -20.15
CA PRO A 218 20.13 -1.90 -19.11
C PRO A 218 20.57 -1.20 -17.80
N ARG A 219 21.85 -1.22 -17.45
CA ARG A 219 22.34 -0.52 -16.24
C ARG A 219 21.91 0.93 -16.34
N HIS A 220 22.19 1.52 -17.51
CA HIS A 220 22.00 2.95 -17.84
C HIS A 220 20.50 3.27 -17.75
N TRP A 221 19.67 2.39 -18.33
CA TRP A 221 18.20 2.49 -18.31
C TRP A 221 17.70 2.73 -16.89
N PHE A 222 18.08 1.89 -15.94
CA PHE A 222 17.61 1.92 -14.54
C PHE A 222 18.16 3.15 -13.81
N ARG A 223 19.40 3.55 -14.08
CA ARG A 223 19.98 4.78 -13.48
C ARG A 223 19.16 6.00 -13.92
N MET A 224 18.82 6.09 -15.20
CA MET A 224 18.14 7.28 -15.77
C MET A 224 16.67 7.25 -15.32
N ARG A 225 16.03 6.08 -15.42
CA ARG A 225 14.65 5.87 -14.94
C ARG A 225 14.54 6.23 -13.46
N ASP A 226 15.56 5.89 -12.66
CA ASP A 226 15.65 6.24 -11.20
C ASP A 226 15.41 7.75 -11.11
N CYS A 227 16.18 8.55 -11.87
CA CYS A 227 16.09 10.02 -11.85
C CYS A 227 14.69 10.47 -12.27
N ASP A 228 14.15 9.88 -13.33
CA ASP A 228 12.85 10.27 -13.93
C ASP A 228 11.72 10.08 -12.92
N ALA A 229 11.90 9.20 -11.92
CA ALA A 229 10.90 8.81 -10.88
C ALA A 229 11.34 9.34 -9.54
N LEU A 230 12.48 10.02 -9.47
CA LEU A 230 13.04 10.58 -8.22
C LEU A 230 13.15 9.48 -7.15
N ALA A 231 13.51 8.28 -7.59
CA ALA A 231 13.59 7.09 -6.70
C ALA A 231 14.64 7.27 -5.59
N ARG A 232 15.93 7.39 -5.90
CA ARG A 232 16.97 7.59 -4.83
C ARG A 232 16.80 8.96 -4.17
N PHE A 233 16.33 9.96 -4.91
CA PHE A 233 15.91 11.27 -4.36
C PHE A 233 14.94 11.09 -3.17
N THR A 234 13.87 10.31 -3.40
CA THR A 234 12.82 10.07 -2.38
C THR A 234 13.35 9.14 -1.27
N ILE A 235 14.22 8.17 -1.57
CA ILE A 235 14.88 7.35 -0.52
C ILE A 235 15.68 8.30 0.39
N ALA A 236 16.50 9.13 -0.24
CA ALA A 236 17.18 10.31 0.37
C ALA A 236 16.21 11.17 1.20
N SER A 237 15.14 11.68 0.60
CA SER A 237 14.11 12.52 1.30
C SER A 237 13.50 11.80 2.51
N ALA A 238 13.25 10.50 2.42
CA ALA A 238 12.56 9.68 3.45
C ALA A 238 13.45 9.54 4.69
N LEU A 239 14.74 9.35 4.47
CA LEU A 239 15.74 9.44 5.57
C LEU A 239 15.75 10.88 6.16
N ALA A 240 15.91 11.90 5.31
CA ALA A 240 15.88 13.32 5.74
C ALA A 240 14.68 13.53 6.63
N CYS A 241 13.47 13.30 6.10
CA CYS A 241 12.20 13.57 6.83
C CYS A 241 12.10 12.79 8.13
N ASN A 242 12.99 11.83 8.39
CA ASN A 242 12.99 11.01 9.64
C ASN A 242 14.27 11.29 10.45
N ASP A 243 14.99 12.40 10.13
CA ASP A 243 16.20 12.87 10.86
C ASP A 243 17.23 11.73 10.91
N LEU A 244 17.39 10.98 9.81
CA LEU A 244 18.37 9.87 9.70
C LEU A 244 19.51 10.38 8.82
N ASP A 245 20.24 11.35 9.35
CA ASP A 245 21.24 12.18 8.63
C ASP A 245 22.56 11.40 8.49
N ASP A 246 22.74 10.32 9.26
CA ASP A 246 23.96 9.48 9.24
C ASP A 246 23.81 8.30 8.25
N ILE A 247 22.58 7.97 7.78
CA ILE A 247 22.28 6.76 6.95
C ILE A 247 22.47 7.10 5.46
N TRP A 248 23.16 6.23 4.72
CA TRP A 248 23.38 6.42 3.26
C TRP A 248 23.63 5.06 2.60
N PHE A 249 23.76 5.02 1.29
CA PHE A 249 23.97 3.76 0.51
C PHE A 249 25.01 4.02 -0.57
N THR A 250 25.72 2.97 -0.98
CA THR A 250 26.64 2.96 -2.15
C THR A 250 25.82 3.17 -3.43
N GLU A 251 26.45 3.70 -4.47
CA GLU A 251 25.81 3.85 -5.80
C GLU A 251 25.12 2.55 -6.20
N ASP A 252 25.76 1.38 -5.97
CA ASP A 252 25.29 0.03 -6.42
C ASP A 252 24.03 -0.40 -5.66
N GLN A 253 23.94 -0.07 -4.37
CA GLN A 253 22.75 -0.29 -3.52
C GLN A 253 21.60 0.61 -4.02
N PHE A 254 21.86 1.88 -4.30
CA PHE A 254 20.84 2.79 -4.86
C PHE A 254 20.35 2.21 -6.18
N GLU A 255 21.28 1.71 -7.00
CA GLU A 255 20.94 1.17 -8.34
C GLU A 255 19.96 0.01 -8.18
N ILE A 256 20.19 -0.86 -7.20
CA ILE A 256 19.36 -2.08 -6.94
C ILE A 256 18.05 -1.65 -6.27
N LEU A 257 18.15 -0.83 -5.23
CA LEU A 257 16.97 -0.33 -4.49
C LEU A 257 15.96 0.25 -5.50
N THR A 258 16.42 1.12 -6.41
CA THR A 258 15.56 1.89 -7.33
C THR A 258 15.14 0.93 -8.43
N GLU A 259 16.01 0.03 -8.88
CA GLU A 259 15.64 -0.97 -9.91
C GLU A 259 14.43 -1.78 -9.42
N ILE A 260 14.42 -2.18 -8.16
CA ILE A 260 13.27 -2.92 -7.56
C ILE A 260 12.01 -2.06 -7.68
N GLY A 261 12.04 -0.87 -7.08
CA GLY A 261 10.94 0.11 -7.06
C GLY A 261 10.46 0.42 -8.46
N ASP A 262 11.40 0.73 -9.37
CA ASP A 262 11.05 1.15 -10.76
C ASP A 262 10.56 -0.07 -11.54
N THR A 263 11.06 -1.28 -11.25
CA THR A 263 10.60 -2.49 -11.99
C THR A 263 9.19 -2.85 -11.48
N LEU A 264 8.96 -2.66 -10.19
CA LEU A 264 7.64 -2.92 -9.58
C LEU A 264 6.64 -1.96 -10.25
N TYR A 265 6.93 -0.66 -10.22
CA TYR A 265 6.05 0.40 -10.76
C TYR A 265 5.81 0.19 -12.25
N ASP A 266 6.87 0.00 -13.06
CA ASP A 266 6.74 -0.09 -14.54
C ASP A 266 6.05 -1.40 -14.92
N ALA A 267 6.15 -2.46 -14.12
CA ALA A 267 5.39 -3.71 -14.38
C ALA A 267 3.89 -3.48 -14.21
N VAL A 268 3.46 -2.73 -13.21
CA VAL A 268 2.01 -2.47 -12.95
C VAL A 268 1.48 -1.48 -14.01
N ALA A 269 2.26 -0.47 -14.40
CA ALA A 269 1.83 0.67 -15.24
C ALA A 269 2.07 0.40 -16.73
N PHE A 270 2.49 -0.80 -17.13
CA PHE A 270 2.85 -1.22 -18.51
C PHE A 270 1.87 -0.60 -19.52
N TYR A 271 0.62 -1.07 -19.49
CA TYR A 271 -0.47 -0.70 -20.43
C TYR A 271 -0.74 0.82 -20.41
N LYS A 272 -0.70 1.46 -19.25
CA LYS A 272 -0.94 2.93 -19.12
C LYS A 272 0.23 3.72 -19.74
N HIS A 273 1.47 3.28 -19.51
CA HIS A 273 2.70 3.85 -20.12
C HIS A 273 2.62 3.72 -21.65
N ARG A 274 2.09 2.61 -22.14
CA ARG A 274 2.05 2.29 -23.58
C ARG A 274 0.99 3.16 -24.26
N ALA A 275 -0.18 3.29 -23.64
CA ALA A 275 -1.26 4.17 -24.09
C ALA A 275 -0.69 5.58 -24.25
N GLU A 276 0.09 6.07 -23.26
CA GLU A 276 0.58 7.47 -23.15
C GLU A 276 1.81 7.72 -24.05
N GLY A 277 2.25 6.74 -24.83
CA GLY A 277 3.47 6.81 -25.66
C GLY A 277 4.72 7.18 -24.84
N GLU A 278 4.90 6.56 -23.68
CA GLU A 278 5.98 6.89 -22.74
C GLU A 278 7.31 6.39 -23.30
N THR A 279 8.38 7.14 -23.02
CA THR A 279 9.78 6.76 -23.29
C THR A 279 10.36 6.08 -22.05
N ASN A 280 9.96 6.52 -20.86
CA ASN A 280 10.45 5.97 -19.56
C ASN A 280 9.52 4.86 -19.07
N SER A 281 9.54 3.71 -19.75
CA SER A 281 8.87 2.46 -19.30
C SER A 281 9.81 1.26 -19.48
N THR A 282 10.26 0.71 -18.37
CA THR A 282 11.12 -0.50 -18.28
C THR A 282 10.73 -1.54 -19.33
N PHE A 283 9.44 -1.82 -19.53
CA PHE A 283 9.02 -2.96 -20.40
C PHE A 283 8.74 -2.48 -21.82
N ALA A 284 9.16 -1.26 -22.15
CA ALA A 284 9.37 -0.80 -23.55
C ALA A 284 10.65 -1.45 -24.10
N TYR A 285 11.56 -1.84 -23.21
CA TYR A 285 12.96 -2.18 -23.48
C TYR A 285 13.23 -3.65 -23.05
N MET A 286 12.95 -3.95 -21.78
CA MET A 286 12.91 -5.33 -21.23
C MET A 286 11.70 -6.08 -21.80
N PRO A 287 11.77 -7.43 -21.89
CA PRO A 287 10.75 -8.21 -22.59
C PRO A 287 9.43 -8.46 -21.82
N GLU A 288 8.32 -8.30 -22.54
CA GLU A 288 6.94 -8.31 -21.98
C GLU A 288 6.68 -9.64 -21.28
N ASP A 289 7.40 -10.69 -21.65
CA ASP A 289 7.17 -12.06 -21.11
C ASP A 289 8.01 -12.26 -19.85
N LEU A 290 8.86 -11.29 -19.49
CA LEU A 290 9.51 -11.31 -18.15
C LEU A 290 8.86 -10.30 -17.18
N ARG A 291 7.82 -9.57 -17.62
CA ARG A 291 7.14 -8.50 -16.83
C ARG A 291 6.60 -9.05 -15.51
N ILE A 292 5.79 -10.11 -15.56
CA ILE A 292 5.18 -10.71 -14.34
C ILE A 292 6.27 -11.28 -13.43
N LYS A 293 7.17 -12.10 -13.95
CA LYS A 293 8.29 -12.72 -13.18
C LYS A 293 9.16 -11.64 -12.51
N ALA A 294 9.61 -10.61 -13.24
CA ALA A 294 10.42 -9.48 -12.74
C ALA A 294 9.74 -8.81 -11.54
N TYR A 295 8.41 -8.63 -11.61
CA TYR A 295 7.62 -8.10 -10.48
C TYR A 295 7.74 -9.03 -9.28
N SER A 296 7.48 -10.32 -9.51
CA SER A 296 7.48 -11.37 -8.47
C SER A 296 8.87 -11.37 -7.87
N GLU A 297 9.90 -11.31 -8.72
CA GLU A 297 11.28 -11.45 -8.19
C GLU A 297 11.61 -10.23 -7.33
N CYS A 298 11.38 -9.02 -7.85
CA CYS A 298 11.64 -7.74 -7.13
C CYS A 298 10.84 -7.70 -5.81
N ARG A 299 9.60 -8.16 -5.80
CA ARG A 299 8.76 -8.15 -4.57
C ARG A 299 9.32 -9.15 -3.54
N GLU A 300 9.80 -10.31 -3.99
CA GLU A 300 10.44 -11.34 -3.13
C GLU A 300 11.71 -10.78 -2.47
N ILE A 301 12.59 -10.18 -3.27
CA ILE A 301 13.91 -9.72 -2.77
C ILE A 301 13.68 -8.58 -1.78
N LEU A 302 12.70 -7.71 -2.06
CA LEU A 302 12.34 -6.62 -1.15
C LEU A 302 11.84 -7.21 0.17
N TRP A 303 11.12 -8.32 0.14
CA TRP A 303 10.68 -9.02 1.39
C TRP A 303 11.88 -9.61 2.15
N ALA A 304 12.80 -10.24 1.42
CA ALA A 304 14.10 -10.74 1.96
C ALA A 304 14.90 -9.59 2.58
N LEU A 305 15.11 -8.49 1.84
CA LEU A 305 15.88 -7.34 2.35
C LEU A 305 15.21 -6.82 3.64
N ASP A 306 13.89 -6.70 3.60
CA ASP A 306 13.07 -6.23 4.75
C ASP A 306 13.33 -7.14 5.95
N ALA A 307 13.35 -8.46 5.76
CA ALA A 307 13.49 -9.48 6.84
C ALA A 307 14.89 -9.37 7.46
N ALA A 308 15.90 -9.34 6.59
CA ALA A 308 17.35 -9.12 6.82
C ALA A 308 17.58 -7.83 7.61
N TRP A 309 16.74 -6.80 7.39
CA TRP A 309 16.74 -5.48 8.09
C TRP A 309 15.81 -5.53 9.31
N ALA A 310 15.28 -6.69 9.68
CA ALA A 310 14.56 -6.88 10.96
C ALA A 310 15.34 -6.17 12.08
N ARG A 311 14.64 -5.54 13.04
CA ARG A 311 15.20 -4.89 14.26
C ARG A 311 15.86 -3.54 13.92
N ASN A 312 15.81 -3.07 12.67
CA ASN A 312 16.30 -1.72 12.32
C ASN A 312 15.17 -0.90 11.69
N PRO A 313 14.31 -0.27 12.52
CA PRO A 313 13.16 0.49 12.02
C PRO A 313 13.50 1.80 11.27
N LYS A 314 14.76 2.24 11.34
CA LYS A 314 15.26 3.35 10.49
C LYS A 314 15.25 2.88 9.04
N LEU A 315 15.82 1.70 8.78
CA LEU A 315 15.90 1.11 7.41
C LEU A 315 14.49 0.69 6.93
N ALA A 316 13.53 0.48 7.82
CA ALA A 316 12.15 0.19 7.41
C ALA A 316 11.63 1.33 6.52
N ASN A 317 12.07 2.57 6.77
CA ASN A 317 11.63 3.78 6.03
C ASN A 317 12.01 3.62 4.55
N VAL A 318 13.17 3.01 4.30
CA VAL A 318 13.72 2.72 2.95
C VAL A 318 12.84 1.66 2.26
N ILE A 319 12.61 0.53 2.93
CA ILE A 319 11.72 -0.56 2.40
C ILE A 319 10.36 0.06 2.06
N ASN A 320 9.75 0.81 2.99
CA ASN A 320 8.39 1.40 2.84
C ASN A 320 8.32 2.22 1.55
N PHE A 321 9.35 3.01 1.24
CA PHE A 321 9.37 3.85 0.02
C PHE A 321 9.24 2.95 -1.21
N VAL A 322 10.12 1.95 -1.31
CA VAL A 322 10.18 1.02 -2.47
C VAL A 322 8.85 0.27 -2.59
N ARG A 323 8.32 -0.22 -1.46
CA ARG A 323 7.07 -1.02 -1.43
C ARG A 323 5.87 -0.20 -1.91
N PHE A 324 5.70 1.02 -1.40
CA PHE A 324 4.43 1.78 -1.58
C PHE A 324 4.48 2.48 -2.93
N PHE A 325 5.67 2.87 -3.35
CA PHE A 325 5.97 3.43 -4.69
C PHE A 325 5.71 2.37 -5.77
N GLY A 326 6.13 1.14 -5.52
CA GLY A 326 6.14 0.08 -6.57
C GLY A 326 4.77 -0.50 -6.83
N GLY A 327 3.77 0.33 -7.14
CA GLY A 327 2.44 -0.15 -7.50
C GLY A 327 1.33 0.43 -6.63
N PRO A 328 1.38 0.26 -5.29
CA PRO A 328 0.25 0.63 -4.43
C PRO A 328 -0.28 2.06 -4.58
N ILE A 329 0.57 3.02 -4.95
CA ILE A 329 0.11 4.44 -5.12
C ILE A 329 -1.03 4.50 -6.14
N HIS A 330 -1.13 3.58 -7.09
CA HIS A 330 -2.22 3.54 -8.11
C HIS A 330 -3.59 3.39 -7.46
N MET A 331 -3.65 2.72 -6.32
CA MET A 331 -4.90 2.49 -5.56
C MET A 331 -5.17 3.69 -4.65
N MET A 332 -4.12 4.39 -4.20
CA MET A 332 -4.18 5.21 -2.96
C MET A 332 -4.33 6.70 -3.28
N MET A 333 -3.85 7.13 -4.44
CA MET A 333 -3.74 8.55 -4.82
C MET A 333 -4.81 8.86 -5.86
N ARG A 334 -5.41 10.04 -5.77
CA ARG A 334 -6.49 10.49 -6.69
C ARG A 334 -5.90 10.90 -8.03
N ARG A 335 -4.58 11.15 -8.07
CA ARG A 335 -3.76 11.29 -9.31
C ARG A 335 -4.10 10.14 -10.25
N TYR A 336 -4.29 8.91 -9.75
CA TYR A 336 -4.45 7.72 -10.60
C TYR A 336 -5.95 7.47 -10.80
N ARG A 337 -6.29 6.42 -11.55
CA ARG A 337 -7.64 6.21 -12.11
C ARG A 337 -8.25 4.90 -11.58
N PHE A 338 -7.91 4.51 -10.35
CA PHE A 338 -8.44 3.25 -9.75
C PHE A 338 -9.97 3.34 -9.67
N VAL A 339 -10.50 4.46 -9.18
CA VAL A 339 -11.96 4.70 -9.01
C VAL A 339 -12.64 4.78 -10.39
N GLU A 340 -12.07 5.52 -11.35
CA GLU A 340 -12.64 5.70 -12.70
C GLU A 340 -12.65 4.36 -13.44
N GLU A 341 -11.73 3.45 -13.13
CA GLU A 341 -11.63 2.14 -13.81
C GLU A 341 -12.32 1.06 -12.95
N ASN A 342 -13.25 1.48 -12.07
CA ASN A 342 -14.16 0.61 -11.23
C ASN A 342 -13.34 -0.34 -10.31
N LEU A 343 -12.36 0.22 -9.58
CA LEU A 343 -11.49 -0.46 -8.58
C LEU A 343 -10.82 -1.67 -9.22
N THR A 344 -10.33 -1.49 -10.44
CA THR A 344 -9.49 -2.48 -11.16
C THR A 344 -8.09 -1.87 -11.34
N ILE A 345 -7.11 -2.74 -11.48
CA ILE A 345 -5.74 -2.39 -11.98
C ILE A 345 -5.42 -3.30 -13.17
N GLY A 346 -4.88 -2.68 -14.24
CA GLY A 346 -4.34 -3.36 -15.43
C GLY A 346 -5.42 -4.00 -16.27
N LYS A 347 -6.58 -3.37 -16.38
CA LYS A 347 -7.81 -3.95 -17.01
C LYS A 347 -8.59 -2.89 -17.80
N SER A 348 -7.89 -1.91 -18.41
CA SER A 348 -8.47 -0.66 -18.98
C SER A 348 -9.30 -0.94 -20.23
N LEU A 375 18.07 19.64 -34.38
CA LEU A 375 19.34 19.66 -35.16
C LEU A 375 20.22 20.88 -34.82
N ASN A 376 19.71 21.84 -34.04
CA ASN A 376 20.52 22.90 -33.37
C ASN A 376 21.10 22.30 -32.07
N THR A 377 22.38 22.56 -31.78
CA THR A 377 23.18 21.89 -30.71
C THR A 377 23.53 22.87 -29.59
N GLN A 378 23.13 24.13 -29.70
CA GLN A 378 23.74 25.24 -28.90
C GLN A 378 23.28 25.13 -27.44
N ARG A 379 21.98 24.83 -27.21
CA ARG A 379 21.39 24.66 -25.85
C ARG A 379 21.95 23.39 -25.18
N TYR A 380 21.87 22.25 -25.88
CA TYR A 380 22.43 20.94 -25.44
C TYR A 380 23.85 21.17 -24.91
N LYS A 381 24.74 21.72 -25.75
CA LYS A 381 26.18 21.98 -25.43
C LYS A 381 26.24 22.84 -24.17
N ALA A 382 25.43 23.90 -24.12
CA ALA A 382 25.42 24.91 -23.05
C ALA A 382 25.08 24.25 -21.71
N LEU A 383 24.19 23.24 -21.73
CA LEU A 383 23.70 22.55 -20.50
C LEU A 383 24.73 21.49 -20.08
N ILE A 384 25.36 20.82 -21.06
CA ILE A 384 26.46 19.83 -20.81
C ILE A 384 27.65 20.54 -20.15
N ALA A 385 27.82 21.84 -20.38
CA ALA A 385 28.84 22.69 -19.74
C ALA A 385 28.38 23.06 -18.31
N ARG A 386 27.08 22.94 -18.05
CA ARG A 386 26.45 23.20 -16.72
C ARG A 386 26.21 21.86 -16.01
N SER A 387 26.86 20.78 -16.46
CA SER A 387 26.68 19.39 -15.94
C SER A 387 26.85 19.35 -14.41
N GLU A 388 27.76 20.15 -13.84
CA GLU A 388 28.01 20.15 -12.37
C GLU A 388 26.74 20.55 -11.64
N GLU A 389 25.99 21.52 -12.18
CA GLU A 389 24.77 22.11 -11.55
C GLU A 389 23.54 21.24 -11.84
N LEU A 390 23.32 20.83 -13.10
CA LEU A 390 22.00 20.45 -13.67
C LEU A 390 21.87 18.94 -13.85
N MET A 391 22.96 18.27 -14.20
CA MET A 391 22.95 16.85 -14.63
C MET A 391 23.46 15.99 -13.47
N PHE A 392 22.86 14.81 -13.22
CA PHE A 392 23.32 13.89 -12.16
C PHE A 392 24.69 13.31 -12.56
N PRO A 393 25.55 12.98 -11.57
CA PRO A 393 26.86 12.38 -11.87
C PRO A 393 26.77 11.27 -12.93
N GLY A 394 27.24 11.56 -14.15
CA GLY A 394 27.43 10.58 -15.23
C GLY A 394 26.55 10.91 -16.41
N LEU A 395 25.53 11.73 -16.23
CA LEU A 395 24.49 11.90 -17.27
C LEU A 395 25.12 12.56 -18.52
N ALA A 396 25.99 13.56 -18.34
CA ALA A 396 26.80 14.17 -19.44
C ALA A 396 27.41 13.06 -20.33
N GLU A 397 28.21 12.16 -19.73
CA GLU A 397 28.89 11.04 -20.42
C GLU A 397 27.84 10.13 -21.07
N PHE A 398 26.77 9.77 -20.35
CA PHE A 398 25.62 8.98 -20.88
C PHE A 398 25.13 9.68 -22.16
N LEU A 399 24.91 10.99 -22.08
CA LEU A 399 24.29 11.76 -23.18
C LEU A 399 25.30 11.85 -24.33
N GLU A 400 26.58 12.15 -24.03
CA GLU A 400 27.69 12.30 -25.02
C GLU A 400 27.98 10.95 -25.71
N MET A 401 28.17 9.86 -24.96
CA MET A 401 28.45 8.51 -25.50
C MET A 401 27.20 7.94 -26.18
N GLY A 402 26.02 8.18 -25.62
CA GLY A 402 24.77 7.47 -25.96
C GLY A 402 23.82 8.28 -26.84
N GLY A 403 23.98 9.60 -26.89
CA GLY A 403 22.99 10.52 -27.47
C GLY A 403 22.62 10.23 -28.92
N ASP A 404 23.53 9.65 -29.71
CA ASP A 404 23.30 9.38 -31.16
C ASP A 404 23.06 7.88 -31.38
N GLY A 405 23.27 7.06 -30.36
CA GLY A 405 23.06 5.60 -30.44
C GLY A 405 24.37 4.90 -30.78
N ILE A 406 24.73 3.89 -30.00
CA ILE A 406 25.94 3.04 -30.20
C ILE A 406 25.59 1.98 -31.26
N CYS A 407 24.42 1.37 -31.12
CA CYS A 407 24.01 0.18 -31.91
C CYS A 407 23.48 0.60 -33.30
N ASP A 408 23.51 -0.33 -34.25
CA ASP A 408 23.20 -0.07 -35.69
C ASP A 408 22.05 -0.94 -36.18
N LYS A 409 21.83 -2.13 -35.60
CA LYS A 409 20.60 -2.92 -35.89
C LYS A 409 19.42 -2.31 -35.09
N CYS A 410 19.71 -1.53 -34.04
CA CYS A 410 18.72 -0.76 -33.23
C CYS A 410 18.10 0.38 -34.04
N LYS A 411 16.79 0.59 -33.90
CA LYS A 411 16.01 1.59 -34.70
C LYS A 411 15.72 2.82 -33.83
N TYR A 412 16.36 3.94 -34.17
CA TYR A 412 16.22 5.27 -33.50
C TYR A 412 15.17 6.08 -34.26
N ARG A 413 15.06 7.39 -33.96
CA ARG A 413 14.09 8.34 -34.57
C ARG A 413 14.75 9.73 -34.66
N GLU A 414 14.26 10.59 -35.56
CA GLU A 414 14.86 11.92 -35.89
C GLU A 414 14.76 12.84 -34.64
N SER A 415 13.54 13.11 -34.20
CA SER A 415 13.20 13.63 -32.84
C SER A 415 12.15 12.71 -32.21
N TYR A 416 11.85 12.91 -30.92
CA TYR A 416 10.82 12.14 -30.18
C TYR A 416 9.68 13.10 -29.83
N GLY A 417 9.35 13.96 -30.81
CA GLY A 417 8.58 15.21 -30.61
C GLY A 417 7.13 15.05 -31.02
N ALA A 418 6.91 14.56 -32.24
CA ALA A 418 5.59 14.10 -32.76
C ALA A 418 4.99 13.15 -31.70
N GLU A 419 3.76 13.43 -31.27
CA GLU A 419 3.14 12.78 -30.08
C GLU A 419 2.58 11.41 -30.45
N LEU A 420 3.02 10.37 -29.74
CA LEU A 420 2.67 8.96 -29.99
C LEU A 420 1.71 8.45 -28.91
N SER A 421 0.95 7.41 -29.25
CA SER A 421 -0.08 6.80 -28.38
C SER A 421 -0.21 5.32 -28.73
N HIS A 422 -0.64 4.50 -27.78
CA HIS A 422 -0.87 3.03 -27.89
C HIS A 422 0.36 2.34 -28.51
N GLN A 423 1.56 2.85 -28.16
CA GLN A 423 2.88 2.33 -28.57
C GLN A 423 3.96 3.07 -27.78
N PHE A 424 5.06 2.40 -27.42
CA PHE A 424 6.22 3.03 -26.74
C PHE A 424 6.93 3.95 -27.73
N GLY A 425 7.45 5.09 -27.25
CA GLY A 425 7.91 6.21 -28.10
C GLY A 425 9.38 6.52 -27.93
N GLY A 426 10.24 5.50 -28.00
CA GLY A 426 11.71 5.58 -27.87
C GLY A 426 12.41 4.52 -28.69
N VAL A 427 13.69 4.29 -28.46
CA VAL A 427 14.52 3.37 -29.31
C VAL A 427 13.83 2.00 -29.31
N GLU A 428 13.73 1.35 -30.48
CA GLU A 428 13.26 -0.06 -30.59
C GLU A 428 14.49 -0.96 -30.69
N LEU A 429 14.82 -1.66 -29.62
CA LEU A 429 16.05 -2.48 -29.51
C LEU A 429 16.00 -3.61 -30.53
N CYS A 430 17.18 -4.10 -30.95
CA CYS A 430 17.38 -5.20 -31.93
C CYS A 430 17.40 -6.57 -31.24
N SER A 431 17.29 -7.63 -32.04
CA SER A 431 17.32 -9.05 -31.61
C SER A 431 18.42 -9.28 -30.56
N GLU A 432 19.60 -8.71 -30.77
CA GLU A 432 20.83 -8.97 -29.97
C GLU A 432 20.81 -8.15 -28.65
N CYS A 433 20.44 -6.86 -28.72
CA CYS A 433 20.36 -5.96 -27.55
C CYS A 433 19.23 -6.45 -26.63
N ARG A 434 18.05 -6.74 -27.19
CA ARG A 434 16.88 -7.34 -26.49
C ARG A 434 17.31 -8.59 -25.71
N LEU A 435 18.31 -9.35 -26.18
CA LEU A 435 18.78 -10.61 -25.51
C LEU A 435 19.75 -10.28 -24.37
N SER A 436 20.61 -9.25 -24.50
CA SER A 436 21.58 -8.85 -23.45
C SER A 436 20.82 -8.17 -22.28
N TRP A 437 19.81 -7.37 -22.63
CA TRP A 437 18.82 -6.81 -21.68
C TRP A 437 18.08 -7.97 -21.00
N ARG A 438 17.60 -8.93 -21.79
CA ARG A 438 16.91 -10.13 -21.25
C ARG A 438 17.80 -10.74 -20.19
N LYS A 439 19.10 -10.80 -20.45
CA LYS A 439 20.09 -11.52 -19.62
C LYS A 439 20.37 -10.72 -18.36
N TYR A 440 20.40 -9.38 -18.49
CA TYR A 440 20.63 -8.47 -17.34
C TYR A 440 19.48 -8.62 -16.36
N LEU A 441 18.25 -8.76 -16.87
CA LEU A 441 17.06 -9.03 -16.04
C LEU A 441 17.20 -10.39 -15.36
N GLU A 442 17.57 -11.42 -16.15
CA GLU A 442 17.57 -12.84 -15.70
C GLU A 442 18.53 -13.00 -14.51
N CYS A 443 19.57 -12.18 -14.40
CA CYS A 443 20.52 -12.30 -13.24
C CYS A 443 20.23 -11.22 -12.19
N PHE A 444 19.01 -10.66 -12.16
CA PHE A 444 18.57 -9.63 -11.18
C PHE A 444 18.84 -10.13 -9.75
N VAL A 445 18.39 -11.35 -9.44
CA VAL A 445 18.57 -11.93 -8.07
C VAL A 445 20.07 -11.98 -7.75
N GLU A 446 20.89 -12.37 -8.72
CA GLU A 446 22.36 -12.51 -8.49
C GLU A 446 22.89 -11.11 -8.17
N ARG A 447 22.53 -10.12 -8.99
CA ARG A 447 23.04 -8.74 -8.88
C ARG A 447 22.65 -8.18 -7.51
N ALA A 448 21.43 -8.44 -7.05
CA ALA A 448 20.90 -7.83 -5.81
C ALA A 448 21.64 -8.46 -4.61
N THR A 449 21.93 -9.77 -4.69
CA THR A 449 22.64 -10.56 -3.63
C THR A 449 24.11 -10.11 -3.53
N LYS A 450 24.78 -9.77 -4.63
CA LYS A 450 26.18 -9.21 -4.58
C LYS A 450 26.15 -7.90 -3.80
N VAL A 451 25.12 -7.07 -4.03
CA VAL A 451 25.05 -5.64 -3.56
C VAL A 451 24.58 -5.59 -2.09
N PHE A 452 23.69 -6.50 -1.69
CA PHE A 452 23.24 -6.67 -0.28
C PHE A 452 23.49 -8.11 0.14
N PRO A 453 24.74 -8.46 0.52
CA PRO A 453 25.06 -9.83 0.94
C PRO A 453 24.29 -10.32 2.18
N GLU A 454 23.66 -9.43 2.96
CA GLU A 454 22.76 -9.80 4.10
C GLU A 454 21.56 -10.63 3.60
N LEU A 455 21.33 -10.71 2.29
CA LEU A 455 20.30 -11.57 1.67
C LEU A 455 20.67 -13.05 1.81
N LYS A 456 21.81 -13.46 1.24
CA LYS A 456 22.23 -14.89 1.25
C LYS A 456 22.60 -15.30 2.70
N THR A 457 23.06 -14.36 3.56
CA THR A 457 23.41 -14.64 4.98
C THR A 457 22.15 -14.65 5.85
N HIS A 458 21.24 -15.60 5.60
CA HIS A 458 19.96 -15.82 6.34
C HIS A 458 20.20 -16.73 7.54
N LYS B 83 10.21 -22.20 -15.00
CA LYS B 83 10.14 -20.82 -15.54
C LYS B 83 9.40 -19.90 -14.54
N GLU B 84 8.12 -20.16 -14.24
CA GLU B 84 7.27 -19.30 -13.36
C GLU B 84 7.78 -19.32 -11.91
N HIS B 85 7.97 -18.11 -11.35
CA HIS B 85 8.44 -17.84 -9.96
C HIS B 85 7.75 -18.74 -8.93
N GLN B 86 8.53 -19.55 -8.19
CA GLN B 86 8.05 -20.22 -6.95
C GLN B 86 8.50 -19.37 -5.76
N ASP B 87 7.58 -19.09 -4.85
CA ASP B 87 7.83 -18.24 -3.66
C ASP B 87 8.82 -18.94 -2.72
N THR B 88 9.87 -18.22 -2.34
CA THR B 88 10.66 -18.49 -1.12
C THR B 88 10.13 -17.57 -0.02
N TRP B 89 10.02 -18.10 1.18
CA TRP B 89 9.39 -17.41 2.32
C TRP B 89 10.47 -16.72 3.17
N TYR B 90 10.31 -15.42 3.44
CA TYR B 90 11.17 -14.64 4.35
C TYR B 90 10.39 -14.14 5.55
N TYR B 91 11.05 -14.14 6.69
CA TYR B 91 10.46 -13.72 7.99
C TYR B 91 11.63 -13.52 8.93
N PRO B 92 11.51 -12.77 10.05
CA PRO B 92 12.62 -12.64 10.97
C PRO B 92 12.84 -13.91 11.81
N PRO B 93 14.08 -14.23 12.25
CA PRO B 93 14.38 -15.45 13.00
C PRO B 93 13.65 -15.50 14.33
N ASP B 94 13.18 -14.38 14.84
CA ASP B 94 12.39 -14.36 16.11
C ASP B 94 11.25 -15.40 16.07
N ILE B 95 10.66 -15.69 14.91
CA ILE B 95 9.42 -16.51 14.85
C ILE B 95 9.71 -17.82 14.13
N ALA B 96 10.90 -17.95 13.53
CA ALA B 96 11.33 -19.07 12.67
C ALA B 96 11.27 -20.43 13.40
N ASN B 97 11.30 -20.47 14.74
CA ASN B 97 11.27 -21.73 15.53
C ASN B 97 9.98 -21.80 16.36
N ASP B 98 8.97 -20.97 16.04
CA ASP B 98 7.62 -21.07 16.66
C ASP B 98 6.98 -22.38 16.18
N LEU B 99 5.89 -22.83 16.79
CA LEU B 99 5.21 -24.06 16.32
C LEU B 99 6.18 -25.27 16.31
N GLN B 100 7.09 -25.36 17.29
CA GLN B 100 8.05 -26.51 17.36
C GLN B 100 7.27 -27.74 17.80
N SER B 101 6.19 -27.54 18.58
CA SER B 101 5.25 -28.57 19.11
C SER B 101 4.22 -29.04 18.06
N ILE B 102 3.99 -28.27 17.00
CA ILE B 102 2.97 -28.57 15.94
C ILE B 102 3.69 -29.22 14.76
N ASN B 103 3.15 -30.30 14.25
CA ASN B 103 3.74 -31.10 13.14
C ASN B 103 2.95 -30.73 11.87
N LEU B 104 3.24 -29.53 11.35
CA LEU B 104 2.80 -29.03 10.03
C LEU B 104 3.99 -29.16 9.11
N PRO B 105 3.80 -29.44 7.81
CA PRO B 105 4.96 -29.47 6.91
C PRO B 105 5.75 -28.16 7.08
N ALA B 106 7.08 -28.22 6.89
CA ALA B 106 7.99 -27.08 7.18
C ALA B 106 7.78 -25.97 6.13
N GLU B 107 7.41 -26.35 4.90
CA GLU B 107 7.03 -25.36 3.85
C GLU B 107 5.83 -24.54 4.34
N LEU B 108 4.83 -25.18 4.95
CA LEU B 108 3.56 -24.52 5.33
C LEU B 108 3.81 -23.59 6.54
N LYS B 109 4.69 -23.99 7.45
CA LYS B 109 5.13 -23.13 8.58
C LYS B 109 5.75 -21.87 8.00
N GLY B 110 6.67 -22.01 7.06
CA GLY B 110 7.40 -20.90 6.43
C GLY B 110 6.42 -19.89 5.86
N GLU B 111 5.42 -20.37 5.12
CA GLU B 111 4.42 -19.54 4.44
C GLU B 111 3.56 -18.86 5.51
N ILE B 112 3.21 -19.53 6.60
CA ILE B 112 2.47 -18.90 7.72
C ILE B 112 3.34 -17.78 8.30
N PHE B 113 4.65 -18.03 8.52
CA PHE B 113 5.56 -17.05 9.14
C PHE B 113 5.69 -15.83 8.19
N ALA B 114 5.89 -16.10 6.90
CA ALA B 114 6.03 -15.11 5.81
C ALA B 114 4.80 -14.22 5.82
N CYS B 115 3.64 -14.84 5.77
CA CYS B 115 2.35 -14.16 5.77
C CYS B 115 2.24 -13.22 6.99
N ALA B 116 2.67 -13.66 8.17
CA ALA B 116 2.48 -12.91 9.43
C ALA B 116 3.39 -11.66 9.39
N TRP B 117 4.63 -11.82 8.91
CA TRP B 117 5.64 -10.76 8.72
C TRP B 117 5.15 -9.79 7.66
N GLU B 118 4.67 -10.32 6.53
CA GLU B 118 4.23 -9.49 5.40
C GLU B 118 3.04 -8.62 5.85
N TYR B 119 2.08 -9.21 6.57
CA TYR B 119 0.88 -8.47 7.02
C TYR B 119 1.30 -7.35 7.98
N THR B 120 2.15 -7.68 8.95
CA THR B 120 2.60 -6.76 10.01
C THR B 120 3.22 -5.53 9.34
N ARG B 121 4.14 -5.77 8.41
CA ARG B 121 4.96 -4.71 7.78
C ARG B 121 4.07 -3.87 6.88
N CYS B 122 2.98 -4.43 6.33
CA CYS B 122 2.16 -3.71 5.35
C CYS B 122 1.24 -2.78 6.14
N VAL B 123 0.62 -3.26 7.22
CA VAL B 123 -0.47 -2.50 7.87
C VAL B 123 0.08 -1.77 9.11
N ILE B 124 1.27 -2.15 9.60
CA ILE B 124 2.03 -1.38 10.63
C ILE B 124 3.43 -1.08 10.08
N PRO B 125 3.55 -0.16 9.11
CA PRO B 125 4.83 0.07 8.44
C PRO B 125 5.90 0.79 9.29
N ASN B 126 5.49 1.47 10.36
CA ASN B 126 6.43 2.10 11.32
C ASN B 126 6.34 1.30 12.63
N TYR B 127 7.47 1.03 13.26
CA TYR B 127 7.52 0.44 14.63
C TYR B 127 8.71 1.05 15.37
N THR B 128 8.58 1.13 16.71
CA THR B 128 9.66 1.47 17.68
C THR B 128 9.93 0.27 18.58
N ASN B 129 8.88 -0.47 18.98
CA ASN B 129 8.97 -1.58 19.96
C ASN B 129 8.92 -2.95 19.26
N TRP B 130 10.07 -3.60 19.11
CA TRP B 130 10.27 -4.85 18.35
C TRP B 130 9.66 -6.06 19.06
N ASN B 131 9.61 -6.05 20.39
CA ASN B 131 9.03 -7.15 21.19
C ASN B 131 7.50 -7.12 21.02
N ARG B 132 6.93 -5.93 20.88
CA ARG B 132 5.49 -5.72 20.60
C ARG B 132 5.19 -6.17 19.16
N TYR B 133 6.02 -5.79 18.18
CA TYR B 133 5.87 -6.12 16.73
C TYR B 133 5.78 -7.64 16.61
N VAL B 134 6.72 -8.33 17.27
CA VAL B 134 6.86 -9.82 17.29
C VAL B 134 5.65 -10.46 17.99
N ALA B 135 5.18 -9.87 19.10
CA ALA B 135 3.91 -10.29 19.75
C ALA B 135 2.79 -10.31 18.69
N PHE B 136 2.63 -9.19 17.98
CA PHE B 136 1.56 -9.00 16.95
C PHE B 136 1.74 -10.05 15.87
N MET B 137 2.98 -10.32 15.47
CA MET B 137 3.28 -11.37 14.47
C MET B 137 2.69 -12.72 14.95
N ARG B 138 2.76 -12.99 16.26
CA ARG B 138 2.36 -14.30 16.85
C ARG B 138 0.84 -14.37 16.95
N ILE B 139 0.23 -13.27 17.32
CA ILE B 139 -1.24 -13.05 17.20
C ILE B 139 -1.72 -13.33 15.75
N ILE B 140 -0.93 -12.98 14.72
CA ILE B 140 -1.39 -13.23 13.32
C ILE B 140 -1.16 -14.71 12.98
N ILE B 141 0.00 -15.26 13.35
CA ILE B 141 0.31 -16.71 13.16
C ILE B 141 -0.89 -17.54 13.68
N MET B 142 -1.36 -17.27 14.90
CA MET B 142 -2.39 -18.13 15.53
C MET B 142 -3.68 -18.03 14.70
N GLY B 143 -3.99 -16.84 14.22
CA GLY B 143 -5.27 -16.51 13.56
C GLY B 143 -5.29 -17.11 12.17
N ILE B 144 -4.12 -17.23 11.55
CA ILE B 144 -3.96 -17.93 10.25
C ILE B 144 -4.25 -19.41 10.49
N ILE B 145 -3.58 -20.03 11.45
CA ILE B 145 -3.76 -21.47 11.79
C ILE B 145 -5.20 -21.70 12.25
N ALA B 146 -5.76 -20.85 13.10
CA ALA B 146 -7.17 -20.91 13.53
C ALA B 146 -8.07 -21.06 12.29
N GLU B 147 -7.76 -20.36 11.21
CA GLU B 147 -8.61 -20.25 9.98
C GLU B 147 -8.44 -21.49 9.09
N PHE B 148 -7.36 -22.24 9.21
CA PHE B 148 -6.91 -23.31 8.27
C PHE B 148 -7.23 -24.70 8.85
N ARG B 149 -7.14 -24.85 10.16
CA ARG B 149 -7.51 -26.07 10.92
C ARG B 149 -8.03 -25.63 12.28
N GLY B 150 -9.34 -25.40 12.39
CA GLY B 150 -10.02 -24.79 13.55
C GLY B 150 -9.94 -25.65 14.80
N GLU B 151 -9.84 -26.97 14.61
CA GLU B 151 -9.69 -27.97 15.70
C GLU B 151 -8.51 -27.57 16.61
N MET B 152 -7.40 -27.13 16.00
CA MET B 152 -6.09 -26.88 16.68
C MET B 152 -6.18 -25.68 17.63
N VAL B 153 -7.12 -24.75 17.42
CA VAL B 153 -7.10 -23.41 18.08
C VAL B 153 -8.44 -23.15 18.77
N ASP B 154 -8.58 -23.64 20.01
CA ASP B 154 -9.82 -23.55 20.81
C ASP B 154 -9.58 -22.58 21.97
N VAL B 155 -9.95 -21.33 21.78
CA VAL B 155 -9.64 -20.22 22.72
C VAL B 155 -10.47 -20.40 24.01
N THR B 156 -11.50 -21.26 23.94
CA THR B 156 -12.42 -21.59 25.06
C THR B 156 -11.75 -22.63 25.97
N ALA B 157 -11.16 -23.67 25.35
CA ALA B 157 -10.65 -24.90 26.00
C ALA B 157 -9.45 -24.57 26.89
N SER B 158 -8.38 -24.02 26.33
CA SER B 158 -7.09 -23.74 27.04
C SER B 158 -6.66 -22.29 26.80
N ASN B 159 -5.59 -21.86 27.47
CA ASN B 159 -4.93 -20.55 27.23
C ASN B 159 -3.56 -20.77 26.57
N ASN B 160 -3.19 -22.04 26.33
CA ASN B 160 -1.97 -22.45 25.58
C ASN B 160 -2.40 -22.92 24.19
N LEU B 161 -2.17 -22.08 23.17
CA LEU B 161 -2.63 -22.29 21.77
C LEU B 161 -1.40 -22.39 20.87
N LEU B 162 -1.19 -23.57 20.27
CA LEU B 162 -0.11 -23.87 19.30
C LEU B 162 1.27 -23.63 19.93
N GLY B 163 1.38 -23.79 21.26
CA GLY B 163 2.64 -23.69 22.01
C GLY B 163 2.96 -22.28 22.48
N TYR B 164 1.96 -21.39 22.54
CA TYR B 164 2.03 -19.93 22.87
C TYR B 164 1.17 -19.65 24.11
N ASP B 165 1.63 -18.73 24.95
CA ASP B 165 0.84 -18.26 26.11
C ASP B 165 0.05 -17.06 25.61
N LEU B 166 -1.27 -17.22 25.47
CA LEU B 166 -2.11 -16.27 24.72
C LEU B 166 -2.22 -15.00 25.56
N ASP B 167 -2.61 -15.13 26.84
CA ASP B 167 -2.68 -13.95 27.74
C ASP B 167 -1.32 -13.26 27.78
N ALA B 168 -0.24 -14.04 27.84
CA ALA B 168 1.15 -13.54 27.97
C ALA B 168 1.58 -12.82 26.68
N THR B 169 1.34 -13.45 25.53
CA THR B 169 1.61 -12.86 24.17
C THR B 169 0.82 -11.56 24.04
N LEU B 170 -0.44 -11.51 24.44
CA LEU B 170 -1.27 -10.28 24.36
C LEU B 170 -0.73 -9.21 25.32
N ALA B 171 -0.23 -9.62 26.48
CA ALA B 171 0.39 -8.71 27.49
C ALA B 171 1.68 -8.12 26.89
N ALA B 172 2.50 -8.95 26.25
CA ALA B 172 3.73 -8.52 25.54
C ALA B 172 3.41 -7.34 24.59
N LEU B 173 2.20 -7.30 24.03
CA LEU B 173 1.79 -6.33 22.98
C LEU B 173 1.16 -5.08 23.62
N PHE B 174 0.31 -5.30 24.64
CA PHE B 174 -0.64 -4.28 25.14
C PHE B 174 -0.35 -3.83 26.60
N GLU B 175 0.59 -4.41 27.35
CA GLU B 175 0.73 -4.02 28.78
C GLU B 175 1.17 -2.56 28.85
N GLY B 176 0.28 -1.68 29.33
CA GLY B 176 0.57 -0.24 29.52
C GLY B 176 -0.29 0.62 28.62
N THR B 177 -1.01 -0.03 27.70
CA THR B 177 -1.84 0.61 26.67
C THR B 177 -3.28 0.70 27.17
N PRO B 178 -4.03 1.75 26.78
CA PRO B 178 -5.33 2.03 27.38
C PRO B 178 -6.45 1.00 27.16
N GLY B 179 -6.29 0.11 26.17
CA GLY B 179 -7.35 -0.79 25.70
C GLY B 179 -7.03 -2.25 25.94
N HIS B 180 -5.86 -2.56 26.50
CA HIS B 180 -5.37 -3.94 26.72
C HIS B 180 -6.55 -4.87 26.96
N LYS B 181 -7.30 -4.65 28.04
CA LYS B 181 -8.38 -5.57 28.48
C LYS B 181 -9.35 -5.82 27.31
N GLU B 182 -9.89 -4.75 26.70
CA GLU B 182 -10.91 -4.75 25.61
C GLU B 182 -10.35 -5.39 24.32
N MET B 183 -9.04 -5.29 24.08
CA MET B 183 -8.38 -5.82 22.86
C MET B 183 -8.14 -7.33 23.01
N ALA B 184 -7.74 -7.79 24.18
CA ALA B 184 -7.59 -9.23 24.53
C ALA B 184 -8.94 -9.92 24.33
N ARG B 185 -10.04 -9.24 24.66
CA ARG B 185 -11.43 -9.71 24.42
C ARG B 185 -11.72 -9.70 22.92
N GLU B 186 -11.29 -8.63 22.20
CA GLU B 186 -11.49 -8.47 20.73
C GLU B 186 -10.86 -9.69 20.04
N TYR B 187 -9.66 -10.10 20.47
CA TYR B 187 -8.82 -11.08 19.73
C TYR B 187 -9.38 -12.46 19.96
N LYS B 188 -9.88 -12.68 21.17
CA LYS B 188 -10.38 -14.01 21.60
C LYS B 188 -11.67 -14.27 20.86
N THR B 189 -12.49 -13.23 20.69
CA THR B 189 -13.70 -13.25 19.83
C THR B 189 -13.33 -13.66 18.39
N PHE B 190 -12.28 -13.05 17.83
CA PHE B 190 -11.75 -13.36 16.48
C PHE B 190 -11.40 -14.87 16.43
N LEU B 191 -10.62 -15.37 17.39
CA LEU B 191 -10.21 -16.80 17.42
C LEU B 191 -11.45 -17.67 17.62
N LEU B 192 -12.41 -17.22 18.40
CA LEU B 192 -13.63 -18.01 18.66
C LEU B 192 -14.30 -18.23 17.31
N ILE B 193 -14.67 -17.12 16.67
CA ILE B 193 -15.53 -17.14 15.47
C ILE B 193 -14.77 -17.77 14.31
N THR B 194 -13.48 -17.50 14.20
CA THR B 194 -12.65 -17.94 13.05
C THR B 194 -12.54 -19.47 13.12
N ALA B 195 -12.11 -19.97 14.28
CA ALA B 195 -11.85 -21.41 14.51
C ALA B 195 -13.16 -22.18 14.36
N ASP B 196 -14.25 -21.66 14.94
CA ASP B 196 -15.63 -22.21 14.83
C ASP B 196 -16.11 -22.21 13.38
N LYS B 197 -15.74 -21.19 12.59
CA LYS B 197 -16.13 -21.05 11.16
C LYS B 197 -15.38 -22.06 10.30
N ALA B 198 -14.17 -22.44 10.70
CA ALA B 198 -13.25 -23.36 9.98
C ALA B 198 -13.27 -24.75 10.64
N SER B 199 -14.40 -25.13 11.26
CA SER B 199 -14.54 -26.43 11.95
C SER B 199 -16.00 -26.91 11.95
N GLU B 200 -16.23 -28.11 12.51
CA GLU B 200 -17.56 -28.76 12.71
C GLU B 200 -18.53 -27.76 13.35
N ARG B 201 -18.01 -26.82 14.16
CA ARG B 201 -18.77 -25.86 15.02
C ARG B 201 -19.38 -24.76 14.16
N ARG B 202 -19.17 -24.79 12.84
CA ARG B 202 -19.84 -23.93 11.82
C ARG B 202 -21.36 -24.11 11.91
N ASP B 203 -21.81 -25.32 12.29
CA ASP B 203 -23.24 -25.70 12.32
C ASP B 203 -23.81 -25.46 13.73
N GLY B 204 -22.96 -24.98 14.66
CA GLY B 204 -23.24 -24.80 16.10
C GLY B 204 -24.03 -23.53 16.40
N GLU B 205 -24.77 -23.53 17.51
CA GLU B 205 -25.65 -22.40 17.91
C GLU B 205 -24.82 -21.10 17.85
N LEU B 206 -23.58 -21.08 18.38
CA LEU B 206 -22.80 -19.82 18.56
C LEU B 206 -22.59 -19.12 17.21
N PHE B 207 -21.95 -19.80 16.25
CA PHE B 207 -21.78 -19.29 14.87
C PHE B 207 -23.14 -18.86 14.27
N ARG B 208 -24.13 -19.77 14.26
CA ARG B 208 -25.49 -19.45 13.74
C ARG B 208 -25.90 -18.07 14.27
N ARG B 209 -25.78 -17.84 15.58
CA ARG B 209 -26.28 -16.60 16.23
C ARG B 209 -25.41 -15.40 15.81
N TYR B 210 -24.07 -15.56 15.71
CA TYR B 210 -23.11 -14.57 15.17
C TYR B 210 -23.57 -14.10 13.79
N VAL B 211 -23.88 -15.05 12.89
CA VAL B 211 -24.20 -14.73 11.47
C VAL B 211 -25.50 -13.92 11.42
N ASN B 212 -26.51 -14.31 12.19
CA ASN B 212 -27.82 -13.61 12.21
C ASN B 212 -27.64 -12.21 12.80
N ALA B 213 -26.79 -12.07 13.83
CA ALA B 213 -26.56 -10.81 14.57
C ALA B 213 -25.74 -9.84 13.71
N LEU B 214 -24.94 -10.34 12.76
CA LEU B 214 -24.27 -9.57 11.66
C LEU B 214 -25.29 -8.65 10.98
N ALA B 215 -26.38 -9.26 10.51
CA ALA B 215 -27.41 -8.66 9.60
C ALA B 215 -28.46 -7.85 10.38
N GLN B 216 -28.30 -7.66 11.68
CA GLN B 216 -29.28 -7.03 12.60
C GLN B 216 -29.50 -5.57 12.20
N SER B 217 -28.41 -4.81 12.10
CA SER B 217 -28.36 -3.44 11.52
C SER B 217 -27.01 -3.25 10.82
N PRO B 218 -26.88 -2.19 9.98
CA PRO B 218 -25.65 -1.93 9.26
C PRO B 218 -24.51 -1.59 10.25
N ARG B 219 -24.83 -0.87 11.33
CA ARG B 219 -23.86 -0.45 12.38
C ARG B 219 -23.32 -1.70 13.09
N HIS B 220 -24.22 -2.66 13.35
CA HIS B 220 -23.87 -3.99 13.90
C HIS B 220 -22.94 -4.70 12.91
N TRP B 221 -23.29 -4.71 11.63
CA TRP B 221 -22.52 -5.40 10.57
C TRP B 221 -21.05 -4.95 10.64
N PHE B 222 -20.84 -3.63 10.66
CA PHE B 222 -19.48 -3.03 10.64
C PHE B 222 -18.77 -3.34 11.94
N ARG B 223 -19.46 -3.22 13.10
CA ARG B 223 -18.83 -3.55 14.41
C ARG B 223 -18.29 -4.96 14.32
N MET B 224 -19.07 -5.87 13.76
CA MET B 224 -18.71 -7.31 13.74
C MET B 224 -17.69 -7.56 12.63
N ARG B 225 -17.81 -6.86 11.50
CA ARG B 225 -16.81 -6.89 10.42
C ARG B 225 -15.45 -6.44 10.96
N ASP B 226 -15.46 -5.38 11.78
CA ASP B 226 -14.24 -4.86 12.47
C ASP B 226 -13.53 -6.02 13.17
N CYS B 227 -14.27 -6.78 13.97
CA CYS B 227 -13.75 -7.94 14.75
C CYS B 227 -13.19 -9.03 13.82
N ASP B 228 -13.96 -9.47 12.82
CA ASP B 228 -13.52 -10.49 11.82
C ASP B 228 -12.18 -10.08 11.18
N ALA B 229 -11.87 -8.78 11.01
CA ALA B 229 -10.64 -8.27 10.33
C ALA B 229 -9.60 -7.78 11.34
N LEU B 230 -9.92 -7.79 12.64
CA LEU B 230 -9.06 -7.23 13.70
C LEU B 230 -8.65 -5.78 13.36
N ALA B 231 -9.60 -4.94 12.92
CA ALA B 231 -9.37 -3.54 12.49
C ALA B 231 -9.02 -2.64 13.69
N ARG B 232 -9.95 -2.41 14.63
CA ARG B 232 -9.66 -1.58 15.83
C ARG B 232 -8.53 -2.25 16.63
N PHE B 233 -8.48 -3.58 16.66
CA PHE B 233 -7.38 -4.36 17.30
C PHE B 233 -6.02 -3.98 16.71
N THR B 234 -5.98 -3.74 15.39
CA THR B 234 -4.70 -3.49 14.67
C THR B 234 -4.36 -1.98 14.76
N ILE B 235 -5.37 -1.10 14.87
CA ILE B 235 -5.18 0.35 15.17
C ILE B 235 -4.45 0.45 16.52
N ALA B 236 -4.93 -0.29 17.53
CA ALA B 236 -4.31 -0.35 18.88
C ALA B 236 -2.88 -0.91 18.81
N SER B 237 -2.67 -2.01 18.07
CA SER B 237 -1.35 -2.69 17.99
C SER B 237 -0.36 -1.77 17.27
N ALA B 238 -0.82 -1.02 16.29
CA ALA B 238 -0.04 -0.01 15.55
C ALA B 238 0.42 1.08 16.54
N LEU B 239 -0.52 1.75 17.21
CA LEU B 239 -0.25 2.63 18.41
C LEU B 239 0.78 1.95 19.31
N ALA B 240 0.44 0.80 19.87
CA ALA B 240 1.32 0.03 20.78
C ALA B 240 2.72 -0.11 20.20
N CYS B 241 2.86 -0.60 18.97
CA CYS B 241 4.16 -1.02 18.38
C CYS B 241 5.03 0.23 18.13
N ASN B 242 4.44 1.42 18.19
CA ASN B 242 5.15 2.72 18.08
C ASN B 242 5.22 3.38 19.47
N ASP B 243 4.96 2.59 20.51
CA ASP B 243 5.07 3.00 21.93
C ASP B 243 4.13 4.18 22.19
N LEU B 244 3.06 4.34 21.41
CA LEU B 244 2.08 5.45 21.63
C LEU B 244 1.05 4.99 22.66
N ASP B 245 1.49 4.80 23.91
CA ASP B 245 0.69 4.17 24.99
C ASP B 245 -0.39 5.12 25.52
N ASP B 246 -0.44 6.38 25.09
CA ASP B 246 -1.40 7.38 25.64
C ASP B 246 -2.55 7.65 24.67
N ILE B 247 -2.46 7.24 23.40
CA ILE B 247 -3.44 7.62 22.34
C ILE B 247 -4.55 6.56 22.33
N TRP B 248 -5.79 7.00 22.20
CA TRP B 248 -6.99 6.12 22.14
C TRP B 248 -8.11 6.90 21.47
N PHE B 249 -9.28 6.28 21.32
CA PHE B 249 -10.39 6.79 20.48
C PHE B 249 -11.74 6.47 21.15
N THR B 250 -12.74 7.33 20.96
CA THR B 250 -14.13 7.05 21.41
C THR B 250 -14.54 5.72 20.74
N GLU B 251 -15.67 5.13 21.13
CA GLU B 251 -16.17 3.91 20.45
C GLU B 251 -16.69 4.34 19.07
N ASP B 252 -17.35 5.51 18.98
CA ASP B 252 -17.94 6.09 17.73
C ASP B 252 -16.86 6.25 16.66
N GLN B 253 -15.65 6.61 17.11
CA GLN B 253 -14.47 6.95 16.27
C GLN B 253 -13.91 5.63 15.72
N PHE B 254 -13.62 4.70 16.62
CA PHE B 254 -13.18 3.33 16.26
C PHE B 254 -14.11 2.76 15.18
N GLU B 255 -15.42 2.95 15.33
CA GLU B 255 -16.45 2.41 14.39
C GLU B 255 -16.33 3.07 13.02
N ILE B 256 -16.02 4.36 12.95
CA ILE B 256 -15.88 5.09 11.66
C ILE B 256 -14.55 4.67 11.02
N LEU B 257 -13.46 4.62 11.80
CA LEU B 257 -12.10 4.26 11.31
C LEU B 257 -12.13 2.85 10.67
N THR B 258 -12.74 1.89 11.36
CA THR B 258 -12.78 0.48 10.93
C THR B 258 -13.77 0.38 9.78
N GLU B 259 -14.84 1.19 9.79
CA GLU B 259 -15.84 1.18 8.69
C GLU B 259 -15.12 1.62 7.41
N ILE B 260 -14.24 2.63 7.49
CA ILE B 260 -13.46 3.13 6.33
C ILE B 260 -12.58 1.98 5.79
N GLY B 261 -11.80 1.36 6.67
CA GLY B 261 -10.87 0.29 6.30
C GLY B 261 -11.62 -0.90 5.71
N ASP B 262 -12.68 -1.32 6.40
CA ASP B 262 -13.45 -2.53 6.03
C ASP B 262 -14.18 -2.28 4.72
N THR B 263 -14.68 -1.05 4.52
CA THR B 263 -15.39 -0.65 3.29
C THR B 263 -14.37 -0.61 2.14
N LEU B 264 -13.19 -0.04 2.39
CA LEU B 264 -12.14 0.05 1.37
C LEU B 264 -11.77 -1.39 0.95
N TYR B 265 -11.46 -2.21 1.95
CA TYR B 265 -11.03 -3.62 1.73
C TYR B 265 -12.12 -4.38 0.94
N ASP B 266 -13.38 -4.32 1.38
CA ASP B 266 -14.49 -5.15 0.81
C ASP B 266 -14.88 -4.64 -0.57
N ALA B 267 -14.81 -3.34 -0.81
CA ALA B 267 -14.93 -2.72 -2.15
C ALA B 267 -13.87 -3.33 -3.09
N VAL B 268 -12.62 -3.47 -2.64
CA VAL B 268 -11.54 -3.91 -3.57
C VAL B 268 -11.68 -5.43 -3.77
N ALA B 269 -12.20 -6.15 -2.78
CA ALA B 269 -12.19 -7.62 -2.68
C ALA B 269 -13.54 -8.27 -3.10
N PHE B 270 -14.50 -7.44 -3.51
CA PHE B 270 -15.88 -7.77 -3.94
C PHE B 270 -15.92 -9.02 -4.86
N TYR B 271 -15.19 -9.03 -5.97
CA TYR B 271 -15.25 -10.12 -6.98
C TYR B 271 -14.54 -11.38 -6.44
N LYS B 272 -13.58 -11.23 -5.52
CA LYS B 272 -12.79 -12.34 -4.93
C LYS B 272 -13.68 -13.04 -3.89
N HIS B 273 -14.36 -12.26 -3.07
CA HIS B 273 -15.37 -12.74 -2.09
C HIS B 273 -16.52 -13.44 -2.81
N ARG B 274 -16.93 -12.98 -3.99
CA ARG B 274 -18.14 -13.53 -4.66
C ARG B 274 -17.79 -14.93 -5.20
N ALA B 275 -16.66 -15.03 -5.90
CA ALA B 275 -16.07 -16.28 -6.42
C ALA B 275 -15.97 -17.34 -5.31
N GLU B 276 -15.18 -17.09 -4.25
CA GLU B 276 -14.87 -18.07 -3.18
C GLU B 276 -16.09 -18.27 -2.25
N GLY B 277 -17.17 -17.49 -2.42
CA GLY B 277 -18.43 -17.61 -1.65
C GLY B 277 -18.31 -17.11 -0.21
N GLU B 278 -17.58 -16.00 0.01
CA GLU B 278 -17.38 -15.36 1.34
C GLU B 278 -18.64 -14.56 1.70
N THR B 279 -19.14 -14.72 2.94
CA THR B 279 -20.41 -14.13 3.44
C THR B 279 -20.12 -12.80 4.14
N ASN B 280 -19.04 -12.75 4.93
CA ASN B 280 -18.58 -11.53 5.64
C ASN B 280 -17.95 -10.57 4.61
N SER B 281 -18.80 -9.95 3.80
CA SER B 281 -18.41 -9.01 2.72
C SER B 281 -19.43 -7.86 2.68
N THR B 282 -19.00 -6.61 2.86
CA THR B 282 -19.90 -5.46 2.90
C THR B 282 -20.87 -5.48 1.70
N PHE B 283 -20.39 -5.62 0.45
CA PHE B 283 -21.20 -5.40 -0.77
C PHE B 283 -21.90 -6.68 -1.20
N ALA B 284 -22.01 -7.66 -0.29
CA ALA B 284 -22.99 -8.75 -0.36
C ALA B 284 -24.24 -8.30 0.39
N TYR B 285 -24.11 -7.38 1.36
CA TYR B 285 -25.25 -6.81 2.14
C TYR B 285 -25.59 -5.44 1.57
N MET B 286 -24.60 -4.56 1.51
CA MET B 286 -24.76 -3.19 0.94
C MET B 286 -24.93 -3.31 -0.56
N PRO B 287 -25.56 -2.32 -1.22
CA PRO B 287 -25.91 -2.46 -2.63
C PRO B 287 -24.66 -2.35 -3.52
N GLU B 288 -24.54 -3.21 -4.53
CA GLU B 288 -23.37 -3.25 -5.44
C GLU B 288 -23.23 -1.90 -6.15
N ASP B 289 -24.34 -1.30 -6.57
CA ASP B 289 -24.36 -0.01 -7.33
C ASP B 289 -23.70 1.11 -6.51
N LEU B 290 -23.40 0.93 -5.23
CA LEU B 290 -22.78 1.98 -4.36
C LEU B 290 -21.32 1.63 -3.99
N ARG B 291 -20.78 0.49 -4.44
CA ARG B 291 -19.37 0.03 -4.18
C ARG B 291 -18.34 1.09 -4.57
N ILE B 292 -18.41 1.61 -5.80
CA ILE B 292 -17.43 2.59 -6.34
C ILE B 292 -17.54 3.91 -5.56
N LYS B 293 -18.75 4.41 -5.30
CA LYS B 293 -18.95 5.69 -4.57
C LYS B 293 -18.43 5.51 -3.14
N ALA B 294 -18.69 4.37 -2.47
CA ALA B 294 -18.32 4.14 -1.05
C ALA B 294 -16.79 4.18 -0.89
N TYR B 295 -16.09 3.45 -1.77
CA TYR B 295 -14.62 3.45 -1.84
C TYR B 295 -14.16 4.89 -2.03
N SER B 296 -14.78 5.60 -3.01
CA SER B 296 -14.36 7.00 -3.33
C SER B 296 -14.44 7.84 -2.04
N GLU B 297 -15.61 7.79 -1.39
CA GLU B 297 -15.90 8.63 -0.19
C GLU B 297 -15.01 8.22 0.99
N CYS B 298 -14.89 6.92 1.29
CA CYS B 298 -14.05 6.45 2.41
C CYS B 298 -12.60 6.89 2.16
N ARG B 299 -12.14 6.82 0.92
CA ARG B 299 -10.74 7.22 0.60
C ARG B 299 -10.58 8.73 0.76
N GLU B 300 -11.57 9.50 0.32
CA GLU B 300 -11.55 10.99 0.40
C GLU B 300 -11.53 11.42 1.88
N ILE B 301 -12.45 10.87 2.68
CA ILE B 301 -12.59 11.15 4.13
C ILE B 301 -11.28 10.80 4.86
N LEU B 302 -10.64 9.68 4.54
CA LEU B 302 -9.37 9.27 5.19
C LEU B 302 -8.30 10.28 4.76
N TRP B 303 -8.36 10.79 3.52
CA TRP B 303 -7.41 11.83 3.05
C TRP B 303 -7.62 13.10 3.87
N ALA B 304 -8.87 13.54 4.00
CA ALA B 304 -9.33 14.66 4.87
C ALA B 304 -8.84 14.46 6.31
N LEU B 305 -9.08 13.28 6.87
CA LEU B 305 -8.74 12.96 8.29
C LEU B 305 -7.22 13.05 8.49
N ASP B 306 -6.46 12.63 7.49
CA ASP B 306 -4.97 12.60 7.48
C ASP B 306 -4.44 14.04 7.46
N ALA B 307 -4.95 14.86 6.53
CA ALA B 307 -4.72 16.32 6.45
C ALA B 307 -4.97 16.98 7.81
N ALA B 308 -6.13 16.73 8.43
CA ALA B 308 -6.52 17.35 9.72
C ALA B 308 -5.46 17.01 10.78
N TRP B 309 -4.91 15.79 10.73
CA TRP B 309 -3.96 15.25 11.74
C TRP B 309 -2.51 15.60 11.36
N ALA B 310 -2.31 16.34 10.26
CA ALA B 310 -0.99 16.81 9.82
C ALA B 310 -0.20 17.42 10.98
N ARG B 311 1.12 17.20 11.00
CA ARG B 311 2.08 17.64 12.05
C ARG B 311 2.01 16.74 13.28
N ASN B 312 1.07 15.80 13.36
CA ASN B 312 1.04 14.78 14.45
C ASN B 312 1.47 13.43 13.86
N PRO B 313 2.79 13.17 13.74
CA PRO B 313 3.28 11.92 13.14
C PRO B 313 2.75 10.67 13.86
N LYS B 314 2.37 10.81 15.13
CA LYS B 314 1.86 9.72 15.99
C LYS B 314 0.58 9.16 15.39
N LEU B 315 -0.35 10.02 14.98
CA LEU B 315 -1.66 9.61 14.41
C LEU B 315 -1.50 9.10 12.97
N ALA B 316 -0.41 9.44 12.28
CA ALA B 316 -0.06 8.96 10.93
C ALA B 316 -0.11 7.42 10.88
N ASN B 317 0.24 6.76 11.99
CA ASN B 317 0.22 5.29 12.17
C ASN B 317 -1.20 4.73 12.14
N VAL B 318 -2.19 5.52 12.53
CA VAL B 318 -3.61 5.08 12.55
C VAL B 318 -4.13 5.19 11.12
N ILE B 319 -3.79 6.29 10.43
CA ILE B 319 -4.12 6.48 8.99
C ILE B 319 -3.43 5.36 8.19
N ASN B 320 -2.16 5.08 8.47
CA ASN B 320 -1.37 4.09 7.69
C ASN B 320 -2.09 2.74 7.79
N PHE B 321 -2.41 2.29 9.00
CA PHE B 321 -3.14 1.01 9.14
C PHE B 321 -4.28 1.01 8.13
N VAL B 322 -5.09 2.06 8.14
CA VAL B 322 -6.41 2.01 7.47
C VAL B 322 -6.14 2.02 5.96
N ARG B 323 -5.11 2.74 5.53
CA ARG B 323 -4.85 2.99 4.09
C ARG B 323 -4.34 1.71 3.44
N PHE B 324 -3.35 1.06 4.06
CA PHE B 324 -2.61 -0.09 3.49
C PHE B 324 -3.47 -1.35 3.59
N PHE B 325 -4.19 -1.48 4.70
CA PHE B 325 -5.19 -2.54 4.90
C PHE B 325 -6.23 -2.42 3.79
N GLY B 326 -6.65 -1.18 3.45
CA GLY B 326 -7.86 -0.92 2.63
C GLY B 326 -7.62 -1.20 1.14
N GLY B 327 -7.11 -2.38 0.79
CA GLY B 327 -6.93 -2.75 -0.62
C GLY B 327 -5.47 -3.00 -1.00
N PRO B 328 -4.54 -2.06 -0.71
CA PRO B 328 -3.14 -2.22 -1.13
C PRO B 328 -2.44 -3.56 -0.82
N ILE B 329 -2.82 -4.24 0.26
CA ILE B 329 -2.16 -5.51 0.67
C ILE B 329 -2.33 -6.53 -0.43
N HIS B 330 -3.35 -6.40 -1.28
CA HIS B 330 -3.61 -7.28 -2.46
C HIS B 330 -2.41 -7.22 -3.40
N MET B 331 -1.77 -6.05 -3.52
CA MET B 331 -0.60 -5.85 -4.42
C MET B 331 0.71 -6.32 -3.76
N MET B 332 0.80 -6.38 -2.41
CA MET B 332 2.11 -6.38 -1.69
C MET B 332 2.38 -7.72 -1.01
N MET B 333 1.34 -8.47 -0.62
CA MET B 333 1.49 -9.71 0.17
C MET B 333 1.32 -10.89 -0.79
N ARG B 334 2.15 -11.92 -0.65
CA ARG B 334 2.14 -13.13 -1.53
C ARG B 334 0.89 -14.00 -1.29
N ARG B 335 0.23 -13.85 -0.14
CA ARG B 335 -1.04 -14.52 0.26
C ARG B 335 -2.12 -14.24 -0.80
N TYR B 336 -2.13 -13.03 -1.36
CA TYR B 336 -3.09 -12.57 -2.40
C TYR B 336 -2.57 -13.00 -3.77
N ARG B 337 -3.34 -12.76 -4.83
CA ARG B 337 -3.10 -13.43 -6.14
C ARG B 337 -2.77 -12.40 -7.23
N PHE B 338 -2.37 -11.18 -6.86
CA PHE B 338 -1.96 -10.14 -7.83
C PHE B 338 -1.11 -10.76 -8.96
N VAL B 339 -0.08 -11.53 -8.61
CA VAL B 339 0.89 -12.03 -9.61
C VAL B 339 0.24 -13.15 -10.42
N GLU B 340 -0.41 -14.12 -9.76
CA GLU B 340 -1.05 -15.29 -10.42
C GLU B 340 -2.19 -14.79 -11.33
N GLU B 341 -2.72 -13.59 -11.10
CA GLU B 341 -3.76 -12.96 -11.94
C GLU B 341 -3.15 -11.86 -12.82
N ASN B 342 -1.88 -12.03 -13.20
CA ASN B 342 -1.13 -11.17 -14.16
C ASN B 342 -1.02 -9.69 -13.74
N LEU B 343 -0.87 -9.42 -12.44
CA LEU B 343 -0.78 -8.03 -11.92
C LEU B 343 -2.03 -7.28 -12.32
N THR B 344 -3.19 -7.88 -12.13
CA THR B 344 -4.49 -7.15 -12.21
C THR B 344 -5.18 -7.28 -10.86
N ILE B 345 -5.99 -6.28 -10.53
CA ILE B 345 -6.99 -6.37 -9.44
C ILE B 345 -8.39 -6.21 -10.07
N GLY B 346 -9.33 -7.03 -9.63
CA GLY B 346 -10.76 -6.85 -9.97
C GLY B 346 -11.10 -7.32 -11.37
N LYS B 347 -12.26 -6.84 -11.84
CA LYS B 347 -12.94 -7.31 -13.06
C LYS B 347 -13.46 -6.06 -13.77
N SER B 348 -13.12 -5.88 -15.03
CA SER B 348 -13.64 -4.76 -15.88
C SER B 348 -15.13 -5.01 -16.13
N GLU B 349 -15.82 -4.01 -16.69
CA GLU B 349 -17.25 -4.11 -17.05
C GLU B 349 -17.46 -5.14 -18.17
N THR B 350 -16.44 -5.39 -18.99
CA THR B 350 -16.52 -6.27 -20.19
C THR B 350 -15.77 -7.58 -19.94
N ASP B 351 -15.69 -8.04 -18.68
CA ASP B 351 -14.99 -9.29 -18.27
C ASP B 351 -16.01 -10.37 -17.90
N LYS B 352 -15.59 -11.63 -18.03
CA LYS B 352 -16.42 -12.86 -17.82
C LYS B 352 -16.72 -13.01 -16.33
N VAL B 353 -17.91 -13.53 -15.98
CA VAL B 353 -18.35 -13.82 -14.59
C VAL B 353 -18.31 -15.34 -14.38
N LYS B 362 -20.76 -33.15 1.63
CA LYS B 362 -20.58 -33.16 3.12
C LYS B 362 -21.78 -33.81 3.83
N LEU B 363 -22.58 -34.66 3.17
CA LEU B 363 -23.72 -35.41 3.78
C LEU B 363 -23.25 -35.98 5.13
N TRP B 364 -22.21 -36.82 5.11
CA TRP B 364 -21.74 -37.60 6.29
C TRP B 364 -21.16 -36.67 7.34
N ASN B 365 -20.52 -35.60 6.91
CA ASN B 365 -20.02 -34.52 7.81
C ASN B 365 -21.23 -33.87 8.53
N ARG B 366 -22.37 -33.75 7.85
CA ARG B 366 -23.63 -33.19 8.42
C ARG B 366 -24.36 -34.27 9.23
N VAL B 367 -24.29 -35.54 8.83
CA VAL B 367 -24.87 -36.70 9.57
C VAL B 367 -24.13 -36.86 10.91
N ASP B 368 -22.81 -37.12 10.85
CA ASP B 368 -21.96 -37.54 12.00
C ASP B 368 -21.76 -36.37 12.97
N ALA B 369 -21.96 -35.14 12.50
CA ALA B 369 -21.91 -33.92 13.33
C ALA B 369 -23.19 -33.77 14.16
N ASN B 370 -24.36 -34.13 13.62
CA ASN B 370 -25.68 -34.10 14.34
C ASN B 370 -25.69 -35.16 15.46
N LYS B 371 -25.01 -36.30 15.28
CA LYS B 371 -24.87 -37.38 16.30
C LYS B 371 -23.95 -36.91 17.44
N ARG B 372 -22.96 -36.06 17.14
CA ARG B 372 -22.04 -35.45 18.13
C ARG B 372 -22.67 -34.16 18.68
N SER B 373 -23.97 -33.94 18.41
CA SER B 373 -24.80 -32.78 18.82
C SER B 373 -24.01 -31.49 18.56
N VAL B 374 -23.91 -31.10 17.29
CA VAL B 374 -23.04 -29.97 16.79
C VAL B 374 -23.64 -28.63 17.22
N LEU B 375 -24.97 -28.48 17.18
CA LEU B 375 -25.69 -27.31 17.75
C LEU B 375 -25.65 -27.40 19.28
N ASN B 376 -24.50 -27.12 19.88
CA ASN B 376 -24.31 -27.19 21.35
C ASN B 376 -24.74 -25.83 21.92
N THR B 377 -25.92 -25.81 22.56
CA THR B 377 -26.49 -24.62 23.23
C THR B 377 -25.80 -24.44 24.58
N GLN B 378 -25.39 -25.54 25.23
CA GLN B 378 -24.60 -25.49 26.49
C GLN B 378 -23.25 -24.82 26.16
N ARG B 379 -22.63 -25.12 25.02
CA ARG B 379 -21.41 -24.38 24.60
C ARG B 379 -21.74 -22.89 24.51
N TYR B 380 -22.85 -22.53 23.85
CA TYR B 380 -23.26 -21.13 23.62
C TYR B 380 -23.44 -20.42 24.97
N LYS B 381 -24.28 -20.99 25.84
CA LYS B 381 -24.66 -20.43 27.18
C LYS B 381 -23.40 -20.31 28.06
N ALA B 382 -22.50 -21.28 27.93
CA ALA B 382 -21.21 -21.32 28.66
C ALA B 382 -20.38 -20.12 28.20
N LEU B 383 -20.49 -19.77 26.93
CA LEU B 383 -19.64 -18.73 26.30
C LEU B 383 -20.23 -17.35 26.61
N ILE B 384 -21.55 -17.20 26.53
CA ILE B 384 -22.31 -16.02 27.07
C ILE B 384 -21.98 -15.80 28.56
N ALA B 385 -21.73 -16.85 29.33
CA ALA B 385 -21.35 -16.77 30.77
C ALA B 385 -19.95 -16.16 30.89
N ARG B 386 -19.05 -16.53 29.98
CA ARG B 386 -17.65 -16.03 29.93
C ARG B 386 -17.54 -14.75 29.09
N SER B 387 -18.64 -14.03 28.85
CA SER B 387 -18.74 -12.86 27.93
C SER B 387 -17.77 -11.74 28.36
N GLU B 388 -17.22 -11.81 29.58
CA GLU B 388 -16.27 -10.80 30.13
C GLU B 388 -14.86 -11.20 29.70
N GLU B 389 -14.66 -12.45 29.29
CA GLU B 389 -13.35 -12.97 28.86
C GLU B 389 -13.28 -13.02 27.31
N LEU B 390 -14.23 -13.70 26.67
CA LEU B 390 -14.08 -14.22 25.29
C LEU B 390 -14.71 -13.28 24.26
N MET B 391 -15.59 -12.35 24.68
CA MET B 391 -16.47 -11.56 23.79
C MET B 391 -16.20 -10.06 23.97
N PHE B 392 -16.28 -9.28 22.89
CA PHE B 392 -16.06 -7.82 22.95
C PHE B 392 -17.30 -7.20 23.58
N PRO B 393 -17.13 -6.04 24.27
CA PRO B 393 -18.24 -5.29 24.84
C PRO B 393 -19.44 -5.17 23.89
N GLY B 394 -20.54 -5.81 24.29
CA GLY B 394 -21.85 -5.72 23.65
C GLY B 394 -22.15 -6.94 22.79
N LEU B 395 -21.17 -7.81 22.57
CA LEU B 395 -21.34 -8.96 21.64
C LEU B 395 -22.35 -9.94 22.29
N ALA B 396 -22.20 -10.23 23.58
CA ALA B 396 -23.14 -11.09 24.36
C ALA B 396 -24.58 -10.59 24.21
N GLU B 397 -24.82 -9.28 24.39
CA GLU B 397 -26.16 -8.65 24.24
C GLU B 397 -26.57 -8.67 22.75
N PHE B 398 -25.61 -8.63 21.82
CA PHE B 398 -25.87 -8.63 20.35
C PHE B 398 -26.37 -10.03 19.94
N LEU B 399 -25.75 -11.09 20.48
CA LEU B 399 -26.07 -12.50 20.14
C LEU B 399 -27.44 -12.84 20.75
N GLU B 400 -27.68 -12.43 21.99
CA GLU B 400 -28.93 -12.78 22.72
C GLU B 400 -30.12 -12.11 22.03
N MET B 401 -30.00 -10.85 21.61
CA MET B 401 -31.11 -10.10 20.99
C MET B 401 -31.28 -10.51 19.52
N GLY B 402 -30.18 -10.68 18.79
CA GLY B 402 -30.18 -10.81 17.32
C GLY B 402 -29.92 -12.22 16.84
N GLY B 403 -29.62 -13.16 17.74
CA GLY B 403 -29.24 -14.55 17.42
C GLY B 403 -30.27 -15.27 16.55
N ASP B 404 -31.55 -14.93 16.71
CA ASP B 404 -32.68 -15.61 15.99
C ASP B 404 -33.22 -14.67 14.91
N GLY B 405 -32.64 -13.47 14.77
CA GLY B 405 -33.03 -12.47 13.77
C GLY B 405 -34.19 -11.63 14.27
N ILE B 406 -33.97 -10.31 14.36
CA ILE B 406 -34.96 -9.32 14.87
C ILE B 406 -36.09 -9.15 13.86
N CYS B 407 -35.77 -9.13 12.56
CA CYS B 407 -36.68 -8.77 11.44
C CYS B 407 -37.53 -9.98 11.03
N ASP B 408 -38.72 -9.74 10.49
CA ASP B 408 -39.74 -10.78 10.20
C ASP B 408 -39.62 -11.24 8.74
N LYS B 409 -39.26 -10.34 7.82
CA LYS B 409 -39.21 -10.63 6.36
C LYS B 409 -37.79 -11.06 5.96
N CYS B 410 -36.75 -10.68 6.71
CA CYS B 410 -35.34 -11.13 6.47
C CYS B 410 -35.25 -12.65 6.55
N LYS B 411 -34.48 -13.26 5.64
CA LYS B 411 -34.18 -14.72 5.65
C LYS B 411 -32.90 -14.96 6.46
N TYR B 412 -32.99 -15.62 7.63
CA TYR B 412 -31.89 -15.85 8.61
C TYR B 412 -31.40 -17.31 8.54
N ARG B 413 -30.31 -17.62 9.25
CA ARG B 413 -29.74 -19.00 9.28
C ARG B 413 -30.41 -19.78 10.43
N GLU B 414 -30.92 -20.98 10.07
CA GLU B 414 -31.72 -21.92 10.91
C GLU B 414 -31.04 -23.30 10.90
N SER B 415 -31.42 -24.19 11.83
CA SER B 415 -30.75 -25.50 12.09
C SER B 415 -31.70 -26.67 11.82
N GLY B 426 -24.97 -15.97 3.81
CA GLY B 426 -25.51 -15.71 5.16
C GLY B 426 -26.94 -15.23 5.07
N VAL B 427 -27.31 -14.26 5.92
CA VAL B 427 -28.67 -13.62 5.93
C VAL B 427 -28.95 -13.03 4.54
N GLU B 428 -30.10 -13.39 3.94
CA GLU B 428 -30.68 -12.67 2.77
C GLU B 428 -31.62 -11.57 3.29
N LEU B 429 -31.13 -10.32 3.30
CA LEU B 429 -31.89 -9.12 3.71
C LEU B 429 -33.13 -8.99 2.84
N CYS B 430 -34.27 -8.65 3.46
CA CYS B 430 -35.54 -8.24 2.79
C CYS B 430 -35.35 -6.86 2.14
N SER B 431 -36.30 -6.41 1.32
CA SER B 431 -36.20 -5.16 0.52
C SER B 431 -36.23 -3.91 1.42
N GLU B 432 -36.96 -3.93 2.53
CA GLU B 432 -37.02 -2.78 3.48
C GLU B 432 -35.70 -2.68 4.26
N CYS B 433 -35.06 -3.81 4.60
CA CYS B 433 -33.72 -3.81 5.27
C CYS B 433 -32.64 -3.38 4.24
N ARG B 434 -32.66 -3.92 3.01
CA ARG B 434 -31.77 -3.49 1.89
C ARG B 434 -31.79 -1.95 1.82
N LEU B 435 -32.98 -1.34 1.90
CA LEU B 435 -33.16 0.12 1.72
C LEU B 435 -32.55 0.88 2.91
N SER B 436 -32.61 0.32 4.12
CA SER B 436 -32.10 1.00 5.35
C SER B 436 -30.58 0.89 5.40
N TRP B 437 -30.05 -0.27 5.00
CA TRP B 437 -28.60 -0.49 4.80
C TRP B 437 -28.10 0.56 3.79
N ARG B 438 -28.75 0.62 2.62
CA ARG B 438 -28.51 1.64 1.56
C ARG B 438 -28.49 3.03 2.18
N LYS B 439 -29.47 3.38 3.01
CA LYS B 439 -29.59 4.74 3.61
C LYS B 439 -28.39 4.99 4.52
N TYR B 440 -28.00 4.00 5.32
CA TYR B 440 -26.87 4.09 6.28
C TYR B 440 -25.54 4.37 5.55
N LEU B 441 -25.36 3.74 4.40
CA LEU B 441 -24.16 3.92 3.54
C LEU B 441 -24.21 5.32 2.92
N GLU B 442 -25.35 5.66 2.30
CA GLU B 442 -25.54 6.92 1.50
C GLU B 442 -25.19 8.15 2.33
N CYS B 443 -25.29 8.09 3.66
CA CYS B 443 -25.02 9.25 4.55
C CYS B 443 -23.76 8.95 5.37
N PHE B 444 -22.86 8.14 4.82
CA PHE B 444 -21.53 7.85 5.42
C PHE B 444 -20.80 9.16 5.75
N VAL B 445 -20.81 10.12 4.83
CA VAL B 445 -20.01 11.38 4.98
C VAL B 445 -20.47 12.12 6.25
N GLU B 446 -21.78 12.36 6.42
CA GLU B 446 -22.33 13.06 7.61
C GLU B 446 -21.88 12.29 8.85
N ARG B 447 -22.05 10.97 8.82
CA ARG B 447 -21.84 10.06 9.99
C ARG B 447 -20.41 10.20 10.50
N ALA B 448 -19.43 10.25 9.59
CA ALA B 448 -17.98 10.39 9.90
C ALA B 448 -17.64 11.83 10.29
N THR B 449 -18.26 12.82 9.65
CA THR B 449 -18.03 14.25 9.97
C THR B 449 -18.55 14.55 11.39
N LYS B 450 -19.66 13.93 11.82
CA LYS B 450 -20.17 14.10 13.21
C LYS B 450 -19.10 13.59 14.20
N VAL B 451 -18.62 12.37 14.05
CA VAL B 451 -17.72 11.66 15.01
C VAL B 451 -16.31 12.29 14.98
N PHE B 452 -15.92 12.89 13.83
CA PHE B 452 -14.61 13.57 13.61
C PHE B 452 -14.82 15.02 13.16
N PRO B 453 -15.16 15.94 14.09
CA PRO B 453 -15.45 17.34 13.75
C PRO B 453 -14.34 18.05 12.95
N GLU B 454 -13.07 17.68 13.23
CA GLU B 454 -11.84 18.24 12.61
C GLU B 454 -11.97 18.20 11.08
N LEU B 455 -12.87 17.39 10.52
CA LEU B 455 -13.07 17.26 9.04
C LEU B 455 -13.70 18.53 8.45
N LYS B 456 -14.43 19.31 9.25
CA LYS B 456 -15.22 20.49 8.81
C LYS B 456 -14.45 21.80 9.06
N THR B 457 -13.35 21.75 9.82
CA THR B 457 -12.51 22.92 10.18
C THR B 457 -11.15 22.80 9.48
N HIS B 458 -11.18 22.52 8.16
CA HIS B 458 -10.01 22.51 7.24
C HIS B 458 -9.76 23.95 6.75
N PHE B 459 -8.53 24.27 6.34
CA PHE B 459 -8.11 25.58 5.79
C PHE B 459 -6.90 25.38 4.86
ZN ZN C . 20.81 -3.00 -30.76
ZN ZN D . -35.44 -7.38 7.00
#